data_7NE1
#
_entry.id   7NE1
#
_cell.length_a   150.950
_cell.length_b   49.600
_cell.length_c   157.250
_cell.angle_alpha   90.000
_cell.angle_beta   99.380
_cell.angle_gamma   90.000
#
_symmetry.space_group_name_H-M   'C 1 2 1'
#
loop_
_entity.id
_entity.type
_entity.pdbx_description
1 polymer Netrin-1
2 polymer Neogenin
3 branched 1,3,4,6-tetra-O-sulfo-beta-D-fructofuranose-(2-1)-2,3,4,6-tetra-O-sulfonato-alpha-D-glucopyranose
4 non-polymer 2-acetamido-2-deoxy-beta-D-glucopyranose
5 non-polymer 'CALCIUM ION'
6 non-polymer 'NITRATE ION'
#
loop_
_entity_poly.entity_id
_entity_poly.type
_entity_poly.pdbx_seq_one_letter_code
_entity_poly.pdbx_strand_id
1 'polypeptide(L)'
;ETGGPGLSMFAGQAAQPDPCSDENGHPRRCIPDFVNAAFGKDVRVSSTCGRPPARYCVVSERGEERLRSCHLCNASDPKK
AHPPAFLTDLNNPHNLTCWQSENYLQFPHNVTLTLSLGKKFEVTYVSLQFCSPRPESMAIYKSMDYGRTWVPFQFYSTQC
RKMYNRPHRAPITKQNEQEAVCTDSHTDMRPLSGGLIAFSTLDGRPSAHDFDNSPVLQDWVTATDIRVAFSRLHTFGDEN
EDDSELARDSYFYAVSDLQVGGRCKCNGHAARCVRDRDDSLVCDCRHNTAGPECDRCKPFHYDRPWQRATAREANECVAC
NCNLHARRCRFNMELYKLSGRKSGGVCLNCRHNTAGRHCHYCKEGYYRDMGKPITHRKACKACDCHPVGAAGKTCNQTTG
QCPCKDGVTGITCNRCAKGYQQSRSPIAPCIKGTKTETSQVAPA
;
A
2 'polypeptide(L)'
;ETGETRVPEVPSSLHVRPLVTSIVVSWTPPENQNIVVRGYAIGYGIGSPHAQTIKVDYKQRYYTIENLDPSSHYVITLKA
FNNVGEGIPLYESAVTRPHTVPDPTPMMPPVGVQASILSHDTIRITWADNSLPKHQKITDSRYYTVRWKTNIPANTKYKN
ANATTLSYLVTGLKPNTLYEFSVMVTKGRRSSTWSMTAHGATFELVPTSPPKDVTVVSKEGKPRTIIVNWQPPSEANGKI
TGYIIYYSTDVNAEIHDWVIEPVVGNRLTHQIQELTLDTPYYFKIQARNSKGMGPMSEAVQFRTPKALGSAGKGSRLPDL
GSDYKPPMSGSNSPHGSPTSPLDSNGTKHHHHHH
;
B
#
loop_
_chem_comp.id
_chem_comp.type
_chem_comp.name
_chem_comp.formula
CA non-polymer 'CALCIUM ION' 'Ca 2'
GU4 D-saccharide, alpha linking 2,3,4,6-tetra-O-sulfonato-alpha-D-glucopyranose 'C6 H12 O18 S4'
NAG D-saccharide, beta linking 2-acetamido-2-deoxy-beta-D-glucopyranose 'C8 H15 N O6'
NO3 non-polymer 'NITRATE ION' 'N O3 -1'
YYJ D-saccharide, beta linking 1,3,4,6-tetra-O-sulfo-beta-D-fructofuranose 'C6 H12 O18 S4'
#
# COMPACT_ATOMS: atom_id res chain seq x y z
N PRO A 17 9.62 0.15 -10.05
CA PRO A 17 8.65 0.59 -9.03
C PRO A 17 9.12 0.28 -7.60
N ASP A 18 8.90 1.21 -6.66
CA ASP A 18 9.28 1.05 -5.26
C ASP A 18 8.22 0.25 -4.47
N PRO A 19 8.63 -0.81 -3.72
CA PRO A 19 7.65 -1.61 -2.99
C PRO A 19 7.15 -1.00 -1.67
N CYS A 20 7.93 -0.09 -1.07
CA CYS A 20 7.60 0.54 0.21
C CYS A 20 6.62 1.72 0.09
N SER A 21 6.31 2.15 -1.15
CA SER A 21 5.37 3.24 -1.40
C SER A 21 4.41 2.91 -2.54
N ASP A 22 3.20 3.49 -2.51
CA ASP A 22 2.13 3.30 -3.50
C ASP A 22 2.30 4.19 -4.73
N GLU A 23 1.37 4.07 -5.70
CA GLU A 23 1.31 4.82 -6.96
C GLU A 23 1.31 6.34 -6.72
N ASN A 24 0.60 6.79 -5.67
CA ASN A 24 0.50 8.19 -5.28
C ASN A 24 1.70 8.63 -4.41
N GLY A 25 2.39 7.64 -3.83
CA GLY A 25 3.55 7.87 -2.99
C GLY A 25 3.34 7.57 -1.51
N HIS A 26 2.12 7.15 -1.14
CA HIS A 26 1.74 6.83 0.23
C HIS A 26 2.43 5.53 0.70
N PRO A 27 3.00 5.49 1.92
CA PRO A 27 3.71 4.28 2.37
C PRO A 27 2.85 3.02 2.51
N ARG A 28 3.43 1.88 2.12
CA ARG A 28 2.82 0.54 2.21
C ARG A 28 3.87 -0.49 2.66
N ARG A 29 3.45 -1.53 3.39
CA ARG A 29 4.31 -2.60 3.92
C ARG A 29 5.14 -3.29 2.83
N CYS A 30 6.46 -3.36 3.03
CA CYS A 30 7.41 -4.00 2.12
C CYS A 30 8.25 -5.03 2.87
N ILE A 31 8.37 -6.24 2.31
CA ILE A 31 9.13 -7.34 2.89
C ILE A 31 10.26 -7.82 1.97
N PRO A 32 11.47 -8.14 2.50
CA PRO A 32 12.55 -8.62 1.61
C PRO A 32 12.25 -10.00 1.05
N ASP A 33 12.71 -10.28 -0.19
CA ASP A 33 12.49 -11.54 -0.90
C ASP A 33 12.80 -12.78 -0.07
N PHE A 34 11.96 -13.82 -0.19
CA PHE A 34 12.14 -15.10 0.53
C PHE A 34 13.40 -15.74 -0.02
N VAL A 35 14.36 -16.04 0.86
CA VAL A 35 15.65 -16.61 0.46
C VAL A 35 16.06 -17.80 1.33
N ASN A 36 17.13 -18.48 0.92
CA ASN A 36 17.73 -19.55 1.69
C ASN A 36 18.95 -18.92 2.35
N ALA A 37 18.76 -18.40 3.58
CA ALA A 37 19.78 -17.72 4.40
C ALA A 37 21.06 -18.55 4.57
N ALA A 38 20.94 -19.88 4.45
CA ALA A 38 22.03 -20.85 4.57
C ALA A 38 22.93 -20.88 3.34
N PHE A 39 22.35 -20.83 2.11
CA PHE A 39 23.05 -20.92 0.83
C PHE A 39 24.31 -20.06 0.72
N GLY A 40 25.41 -20.72 0.35
CA GLY A 40 26.72 -20.13 0.15
C GLY A 40 27.39 -19.58 1.39
N LYS A 41 26.99 -20.09 2.57
CA LYS A 41 27.54 -19.65 3.86
C LYS A 41 28.51 -20.69 4.43
N ASP A 42 29.50 -20.21 5.20
CA ASP A 42 30.48 -21.05 5.86
C ASP A 42 29.80 -21.71 7.07
N VAL A 43 29.83 -23.04 7.14
CA VAL A 43 29.21 -23.76 8.25
C VAL A 43 30.30 -24.43 9.08
N ARG A 44 30.33 -24.10 10.39
CA ARG A 44 31.29 -24.68 11.33
C ARG A 44 30.73 -26.02 11.80
N VAL A 45 31.55 -27.07 11.63
CA VAL A 45 31.20 -28.44 12.01
C VAL A 45 32.15 -28.97 13.07
N SER A 46 31.65 -29.83 13.96
CA SER A 46 32.48 -30.41 15.02
C SER A 46 33.38 -31.53 14.49
N SER A 47 32.92 -32.26 13.45
CA SER A 47 33.65 -33.39 12.89
C SER A 47 33.52 -33.54 11.37
N THR A 48 34.64 -33.93 10.70
CA THR A 48 34.73 -34.18 9.25
C THR A 48 35.83 -35.21 8.98
N CYS A 49 35.49 -36.27 8.21
CA CYS A 49 36.40 -37.35 7.81
C CYS A 49 37.54 -36.87 6.89
N GLY A 50 38.57 -37.71 6.76
CA GLY A 50 39.71 -37.44 5.88
C GLY A 50 40.91 -36.77 6.51
N ARG A 51 40.89 -36.60 7.84
CA ARG A 51 41.96 -35.97 8.59
C ARG A 51 42.36 -36.81 9.82
N PRO A 52 43.23 -37.84 9.69
CA PRO A 52 43.92 -38.33 8.47
C PRO A 52 42.98 -39.16 7.58
N PRO A 53 43.34 -39.49 6.30
CA PRO A 53 42.41 -40.27 5.46
C PRO A 53 42.01 -41.59 6.11
N ALA A 54 40.71 -41.87 6.09
CA ALA A 54 40.12 -43.05 6.70
C ALA A 54 39.05 -43.66 5.81
N ARG A 55 38.90 -44.99 5.87
CA ARG A 55 37.90 -45.73 5.09
C ARG A 55 36.52 -45.55 5.71
N TYR A 56 35.49 -45.43 4.84
CA TYR A 56 34.08 -45.37 5.22
C TYR A 56 33.31 -46.39 4.37
N CYS A 57 32.18 -46.91 4.87
CA CYS A 57 31.42 -47.92 4.14
C CYS A 57 29.96 -47.56 3.90
N VAL A 58 29.48 -47.84 2.69
CA VAL A 58 28.11 -47.57 2.25
C VAL A 58 27.35 -48.89 2.15
N VAL A 59 26.30 -49.04 2.98
CA VAL A 59 25.48 -50.24 3.02
C VAL A 59 24.30 -50.11 2.04
N SER A 60 24.14 -51.12 1.15
CA SER A 60 23.06 -51.18 0.17
C SER A 60 22.33 -52.53 0.30
N GLU A 61 21.08 -52.49 0.81
CA GLU A 61 20.26 -53.67 1.06
C GLU A 61 19.80 -54.39 -0.20
N ARG A 62 19.91 -55.72 -0.17
CA ARG A 62 19.49 -56.65 -1.23
C ARG A 62 18.51 -57.64 -0.56
N GLY A 63 17.40 -57.09 -0.10
CA GLY A 63 16.37 -57.83 0.63
C GLY A 63 16.79 -58.03 2.07
N GLU A 64 17.17 -59.26 2.42
CA GLU A 64 17.65 -59.60 3.75
C GLU A 64 19.17 -59.31 3.88
N GLU A 65 19.93 -59.62 2.80
CA GLU A 65 21.38 -59.45 2.69
C GLU A 65 21.76 -57.97 2.70
N ARG A 66 22.75 -57.60 3.54
CA ARG A 66 23.23 -56.23 3.67
C ARG A 66 24.57 -56.03 2.97
N LEU A 67 24.56 -55.84 1.64
CA LEU A 67 25.78 -55.63 0.85
C LEU A 67 26.46 -54.31 1.25
N ARG A 68 27.80 -54.29 1.20
CA ARG A 68 28.58 -53.14 1.64
C ARG A 68 29.68 -52.78 0.65
N SER A 69 29.73 -51.49 0.27
CA SER A 69 30.74 -50.93 -0.62
C SER A 69 31.53 -49.87 0.14
N CYS A 70 32.83 -50.11 0.35
CA CYS A 70 33.67 -49.19 1.11
C CYS A 70 34.49 -48.27 0.21
N HIS A 71 34.61 -47.00 0.63
CA HIS A 71 35.35 -45.95 -0.06
C HIS A 71 36.30 -45.24 0.92
N LEU A 72 37.10 -44.29 0.42
CA LEU A 72 38.05 -43.54 1.24
C LEU A 72 37.72 -42.06 1.30
N CYS A 73 37.70 -41.50 2.51
CA CYS A 73 37.48 -40.08 2.73
C CYS A 73 38.86 -39.43 2.90
N ASN A 74 39.21 -38.51 1.99
CA ASN A 74 40.53 -37.84 2.03
C ASN A 74 40.36 -36.35 1.78
N ALA A 75 40.52 -35.54 2.85
CA ALA A 75 40.40 -34.07 2.81
C ALA A 75 41.40 -33.44 1.84
N SER A 76 42.62 -34.01 1.77
CA SER A 76 43.72 -33.58 0.91
C SER A 76 43.42 -33.68 -0.59
N ASP A 77 42.54 -34.63 -1.00
CA ASP A 77 42.14 -34.83 -2.40
C ASP A 77 40.69 -34.38 -2.63
N PRO A 78 40.46 -33.32 -3.46
CA PRO A 78 39.09 -32.84 -3.71
C PRO A 78 38.10 -33.87 -4.28
N LYS A 79 38.61 -34.90 -4.99
CA LYS A 79 37.78 -35.97 -5.56
C LYS A 79 37.24 -36.90 -4.45
N LYS A 80 37.99 -37.03 -3.34
CA LYS A 80 37.64 -37.88 -2.19
C LYS A 80 37.35 -37.09 -0.90
N ALA A 81 37.27 -35.73 -0.99
CA ALA A 81 36.98 -34.86 0.16
C ALA A 81 35.49 -34.57 0.33
N HIS A 82 35.03 -34.44 1.59
CA HIS A 82 33.64 -34.14 1.95
C HIS A 82 33.63 -32.95 2.93
N PRO A 83 33.96 -31.71 2.45
CA PRO A 83 34.05 -30.57 3.37
C PRO A 83 32.70 -29.98 3.82
N PRO A 84 32.64 -29.21 4.93
CA PRO A 84 31.37 -28.59 5.33
C PRO A 84 30.87 -27.54 4.32
N ALA A 85 31.63 -27.30 3.24
CA ALA A 85 31.27 -26.40 2.15
C ALA A 85 30.12 -27.01 1.33
N PHE A 86 30.09 -28.36 1.28
CA PHE A 86 29.10 -29.17 0.57
C PHE A 86 27.69 -29.11 1.18
N LEU A 87 27.56 -28.49 2.37
CA LEU A 87 26.28 -28.37 3.05
C LEU A 87 25.43 -27.26 2.42
N THR A 88 26.08 -26.18 1.97
CA THR A 88 25.40 -24.99 1.44
C THR A 88 25.75 -24.67 -0.03
N ASP A 89 26.45 -25.57 -0.74
CA ASP A 89 26.77 -25.36 -2.15
C ASP A 89 25.55 -25.75 -3.02
N LEU A 90 25.61 -25.49 -4.34
CA LEU A 90 24.54 -25.83 -5.30
C LEU A 90 24.18 -27.32 -5.17
N ASN A 91 22.94 -27.59 -4.73
CA ASN A 91 22.46 -28.95 -4.57
C ASN A 91 22.00 -29.48 -5.92
N ASN A 92 22.88 -30.22 -6.60
CA ASN A 92 22.61 -30.82 -7.91
C ASN A 92 22.25 -32.31 -7.70
N PRO A 93 21.05 -32.76 -8.13
CA PRO A 93 20.67 -34.17 -7.92
C PRO A 93 21.56 -35.17 -8.68
N HIS A 94 22.09 -34.76 -9.84
CA HIS A 94 22.99 -35.57 -10.67
C HIS A 94 24.33 -35.77 -9.96
N ASN A 95 24.98 -34.66 -9.58
CA ASN A 95 26.26 -34.68 -8.88
C ASN A 95 26.06 -34.19 -7.45
N LEU A 96 25.72 -35.14 -6.55
CA LEU A 96 25.50 -34.83 -5.14
C LEU A 96 26.81 -34.60 -4.42
N THR A 97 26.84 -33.54 -3.62
CA THR A 97 28.01 -33.13 -2.85
C THR A 97 27.58 -33.03 -1.39
N CYS A 98 28.10 -33.94 -0.55
CA CYS A 98 27.75 -33.91 0.87
C CYS A 98 28.93 -33.98 1.80
N TRP A 99 28.83 -33.22 2.90
CA TRP A 99 29.79 -33.20 4.01
C TRP A 99 29.61 -34.55 4.71
N GLN A 100 30.69 -35.11 5.28
CA GLN A 100 30.62 -36.38 5.98
C GLN A 100 31.43 -36.33 7.27
N SER A 101 30.80 -36.74 8.38
CA SER A 101 31.42 -36.76 9.70
C SER A 101 32.39 -37.95 9.83
N GLU A 102 33.14 -38.02 10.97
CA GLU A 102 34.03 -39.13 11.29
C GLU A 102 33.13 -40.34 11.59
N ASN A 103 33.63 -41.55 11.27
CA ASN A 103 32.85 -42.78 11.47
C ASN A 103 32.63 -43.11 12.94
N TYR A 104 31.39 -43.55 13.24
CA TYR A 104 30.87 -43.97 14.53
C TYR A 104 31.19 -42.99 15.67
N LEU A 105 30.43 -41.89 15.71
CA LEU A 105 30.48 -40.91 16.79
C LEU A 105 29.13 -40.98 17.49
N GLN A 106 28.85 -42.19 17.99
CA GLN A 106 27.64 -42.61 18.70
C GLN A 106 27.54 -41.94 20.08
N PHE A 107 26.30 -41.84 20.61
CA PHE A 107 25.94 -41.30 21.92
C PHE A 107 26.89 -41.81 23.04
N PRO A 108 27.33 -40.97 24.01
CA PRO A 108 27.00 -39.56 24.26
C PRO A 108 27.62 -38.53 23.31
N HIS A 109 28.58 -38.96 22.44
CA HIS A 109 29.23 -38.09 21.46
C HIS A 109 28.24 -37.61 20.41
N ASN A 110 28.31 -36.32 20.05
CA ASN A 110 27.39 -35.72 19.10
C ASN A 110 28.03 -34.75 18.13
N VAL A 111 27.78 -34.97 16.82
CA VAL A 111 28.29 -34.11 15.75
C VAL A 111 27.39 -32.86 15.69
N THR A 112 28.02 -31.67 15.73
CA THR A 112 27.31 -30.39 15.75
C THR A 112 27.66 -29.51 14.54
N LEU A 113 26.61 -28.95 13.91
CA LEU A 113 26.65 -28.03 12.77
C LEU A 113 26.19 -26.66 13.27
N THR A 114 26.92 -25.58 12.92
CA THR A 114 26.57 -24.23 13.38
C THR A 114 26.62 -23.21 12.25
N LEU A 115 25.43 -22.70 11.87
CA LEU A 115 25.26 -21.69 10.83
C LEU A 115 25.12 -20.32 11.48
N SER A 116 25.97 -19.37 11.08
CA SER A 116 25.96 -18.02 11.62
C SER A 116 25.60 -16.98 10.58
N LEU A 117 24.59 -16.17 10.90
CA LEU A 117 24.14 -15.05 10.07
C LEU A 117 24.17 -13.83 10.98
N GLY A 118 24.84 -12.77 10.55
CA GLY A 118 24.96 -11.56 11.36
C GLY A 118 23.73 -10.68 11.28
N LYS A 119 22.54 -11.30 11.12
CA LYS A 119 21.27 -10.61 10.97
C LYS A 119 20.10 -11.48 11.43
N LYS A 120 19.07 -10.82 12.01
CA LYS A 120 17.83 -11.45 12.45
C LYS A 120 17.01 -11.80 11.21
N PHE A 121 16.59 -13.07 11.11
CA PHE A 121 15.80 -13.60 10.01
C PHE A 121 14.58 -14.29 10.55
N GLU A 122 13.40 -14.03 9.95
CA GLU A 122 12.15 -14.68 10.32
C GLU A 122 12.11 -16.00 9.56
N VAL A 123 12.70 -17.05 10.16
CA VAL A 123 12.83 -18.40 9.59
C VAL A 123 11.48 -19.12 9.52
N THR A 124 11.11 -19.62 8.33
CA THR A 124 9.85 -20.37 8.16
C THR A 124 10.13 -21.87 8.24
N TYR A 125 11.26 -22.31 7.66
CA TYR A 125 11.67 -23.71 7.65
C TYR A 125 13.18 -23.93 7.74
N VAL A 126 13.58 -25.09 8.30
CA VAL A 126 14.95 -25.58 8.43
C VAL A 126 14.93 -27.02 7.91
N SER A 127 15.61 -27.29 6.80
CA SER A 127 15.62 -28.63 6.21
C SER A 127 17.01 -29.18 5.93
N LEU A 128 17.19 -30.50 6.17
CA LEU A 128 18.43 -31.23 5.97
C LEU A 128 18.20 -32.48 5.10
N GLN A 129 18.90 -32.56 3.96
CA GLN A 129 18.85 -33.69 3.04
C GLN A 129 20.09 -34.55 3.34
N PHE A 130 19.90 -35.86 3.56
CA PHE A 130 21.00 -36.74 3.96
C PHE A 130 21.51 -37.71 2.90
N CYS A 131 22.82 -38.01 2.95
CA CYS A 131 23.51 -38.97 2.08
C CYS A 131 23.54 -40.33 2.78
N SER A 132 23.71 -40.30 4.11
CA SER A 132 23.73 -41.44 5.02
C SER A 132 22.32 -41.59 5.64
N PRO A 133 21.97 -42.63 6.44
CA PRO A 133 20.62 -42.67 7.04
C PRO A 133 20.45 -41.54 8.07
N ARG A 134 19.21 -41.01 8.19
CA ARG A 134 18.84 -39.94 9.13
C ARG A 134 19.16 -40.35 10.57
N PRO A 135 19.54 -39.43 11.47
CA PRO A 135 19.88 -39.85 12.84
C PRO A 135 18.69 -40.31 13.65
N GLU A 136 18.96 -41.05 14.74
CA GLU A 136 17.94 -41.51 15.67
C GLU A 136 17.49 -40.26 16.42
N SER A 137 18.45 -39.52 17.00
CA SER A 137 18.21 -38.28 17.73
C SER A 137 18.91 -37.11 17.06
N MET A 138 18.14 -36.06 16.76
CA MET A 138 18.63 -34.82 16.15
C MET A 138 17.96 -33.62 16.82
N ALA A 139 18.70 -32.52 16.98
CA ALA A 139 18.19 -31.32 17.62
C ALA A 139 18.52 -30.05 16.85
N ILE A 140 17.55 -29.12 16.78
CA ILE A 140 17.72 -27.81 16.14
C ILE A 140 17.57 -26.75 17.22
N TYR A 141 18.48 -25.78 17.21
CA TYR A 141 18.50 -24.65 18.14
C TYR A 141 18.60 -23.37 17.33
N LYS A 142 18.25 -22.25 17.97
CA LYS A 142 18.34 -20.92 17.38
C LYS A 142 19.04 -20.00 18.36
N SER A 143 19.51 -18.85 17.86
CA SER A 143 20.15 -17.86 18.71
C SER A 143 19.48 -16.51 18.47
N MET A 144 19.03 -15.89 19.56
CA MET A 144 18.36 -14.59 19.53
C MET A 144 19.44 -13.52 19.42
N ASP A 145 20.47 -13.61 20.29
CA ASP A 145 21.66 -12.77 20.24
C ASP A 145 22.57 -13.39 19.18
N TYR A 146 23.70 -12.76 18.86
CA TYR A 146 24.54 -13.27 17.78
C TYR A 146 25.47 -14.40 18.24
N GLY A 147 24.86 -15.54 18.54
CA GLY A 147 25.54 -16.76 18.95
C GLY A 147 25.89 -16.92 20.42
N ARG A 148 25.63 -15.89 21.25
CA ARG A 148 25.97 -15.89 22.68
C ARG A 148 25.17 -16.93 23.50
N THR A 149 23.83 -16.85 23.44
CA THR A 149 22.93 -17.79 24.12
C THR A 149 22.07 -18.52 23.10
N TRP A 150 21.77 -19.80 23.38
CA TRP A 150 20.99 -20.66 22.50
C TRP A 150 19.63 -21.04 23.06
N VAL A 151 18.63 -21.13 22.17
CA VAL A 151 17.24 -21.46 22.51
C VAL A 151 16.81 -22.66 21.65
N PRO A 152 16.28 -23.75 22.28
CA PRO A 152 15.84 -24.91 21.47
C PRO A 152 14.72 -24.56 20.48
N PHE A 153 14.80 -25.11 19.27
CA PHE A 153 13.85 -24.87 18.18
C PHE A 153 12.93 -26.08 17.92
N GLN A 154 13.53 -27.27 17.70
CA GLN A 154 12.81 -28.52 17.41
C GLN A 154 13.68 -29.73 17.70
N PHE A 155 13.07 -30.78 18.25
CA PHE A 155 13.75 -32.04 18.56
C PHE A 155 13.18 -33.22 17.77
N TYR A 156 14.03 -34.20 17.45
CA TYR A 156 13.69 -35.41 16.73
C TYR A 156 14.34 -36.59 17.43
N SER A 157 13.53 -37.59 17.87
CA SER A 157 14.01 -38.79 18.58
C SER A 157 12.97 -39.89 18.69
N THR A 158 13.45 -41.16 18.70
CA THR A 158 12.64 -42.36 18.89
C THR A 158 12.32 -42.50 20.39
N GLN A 159 13.14 -41.88 21.25
CA GLN A 159 13.03 -41.82 22.71
C GLN A 159 13.15 -40.33 23.08
N CYS A 160 12.02 -39.61 23.02
CA CYS A 160 11.95 -38.17 23.27
C CYS A 160 12.26 -37.78 24.72
N ARG A 161 11.66 -38.47 25.71
CA ARG A 161 11.85 -38.17 27.13
C ARG A 161 13.25 -38.56 27.62
N LYS A 162 13.76 -39.74 27.23
CA LYS A 162 15.08 -40.23 27.64
C LYS A 162 16.28 -39.49 26.99
N MET A 163 16.05 -38.78 25.87
CA MET A 163 17.11 -38.09 25.15
C MET A 163 17.11 -36.56 25.34
N TYR A 164 15.97 -35.90 25.16
CA TYR A 164 15.91 -34.44 25.24
C TYR A 164 15.05 -33.90 26.39
N ASN A 165 14.54 -34.78 27.28
CA ASN A 165 13.69 -34.44 28.43
C ASN A 165 12.46 -33.60 28.00
N ARG A 166 11.81 -34.05 26.91
CA ARG A 166 10.63 -33.43 26.31
C ARG A 166 9.61 -34.51 25.95
N PRO A 167 8.28 -34.28 26.12
CA PRO A 167 7.32 -35.32 25.75
C PRO A 167 7.18 -35.51 24.24
N HIS A 168 6.92 -36.75 23.80
CA HIS A 168 6.76 -37.09 22.39
C HIS A 168 5.45 -36.55 21.83
N ARG A 169 5.54 -35.85 20.68
CA ARG A 169 4.42 -35.23 19.96
C ARG A 169 3.51 -34.42 20.91
N ALA A 170 4.11 -33.43 21.58
CA ALA A 170 3.45 -32.55 22.54
C ALA A 170 2.36 -31.67 21.88
N PRO A 171 1.17 -31.50 22.50
CA PRO A 171 0.15 -30.64 21.88
C PRO A 171 0.46 -29.16 22.08
N ILE A 172 0.56 -28.39 20.98
CA ILE A 172 0.86 -26.96 21.05
C ILE A 172 -0.37 -26.17 21.49
N THR A 173 -0.26 -25.53 22.67
CA THR A 173 -1.32 -24.74 23.29
C THR A 173 -1.06 -23.25 23.07
N LYS A 174 -2.09 -22.41 23.29
CA LYS A 174 -2.03 -20.95 23.16
C LYS A 174 -1.04 -20.35 24.17
N GLN A 175 -0.88 -20.99 25.35
CA GLN A 175 0.03 -20.58 26.41
C GLN A 175 1.49 -20.69 25.93
N ASN A 176 2.02 -21.92 25.77
CA ASN A 176 3.39 -22.10 25.30
C ASN A 176 3.43 -22.37 23.79
N GLU A 177 3.47 -21.27 23.01
CA GLU A 177 3.54 -21.30 21.55
C GLU A 177 4.98 -21.38 21.11
N GLN A 178 5.91 -20.91 21.96
CA GLN A 178 7.35 -20.92 21.71
C GLN A 178 8.01 -22.22 22.19
N GLU A 179 7.21 -23.27 22.47
CA GLU A 179 7.71 -24.55 22.95
C GLU A 179 8.41 -25.33 21.84
N ALA A 180 9.58 -25.89 22.16
CA ALA A 180 10.33 -26.73 21.23
C ALA A 180 9.72 -28.13 21.35
N VAL A 181 9.12 -28.62 20.27
CA VAL A 181 8.43 -29.90 20.22
C VAL A 181 9.41 -31.02 19.84
N CYS A 182 9.15 -32.24 20.34
CA CYS A 182 9.91 -33.45 20.02
C CYS A 182 8.97 -34.40 19.26
N THR A 183 9.43 -34.96 18.13
CA THR A 183 8.62 -35.88 17.32
C THR A 183 9.44 -37.10 16.84
N ASP A 184 8.76 -38.15 16.37
CA ASP A 184 9.37 -39.38 15.85
C ASP A 184 9.09 -39.55 14.34
N SER A 185 8.47 -38.51 13.72
CA SER A 185 8.04 -38.46 12.33
C SER A 185 9.13 -38.70 11.28
N HIS A 186 10.30 -38.02 11.41
CA HIS A 186 11.38 -38.15 10.42
C HIS A 186 12.64 -38.83 10.97
N THR A 187 12.45 -39.72 11.97
CA THR A 187 13.54 -40.45 12.63
C THR A 187 13.95 -41.75 11.93
N ASP A 188 13.01 -42.39 11.20
CA ASP A 188 13.19 -43.67 10.48
C ASP A 188 14.55 -43.86 9.79
N MET A 189 15.22 -45.00 10.07
CA MET A 189 16.53 -45.37 9.51
C MET A 189 16.44 -45.45 7.98
N ARG A 190 15.35 -46.05 7.46
CA ARG A 190 15.09 -46.18 6.03
C ARG A 190 14.30 -44.94 5.55
N PRO A 191 14.65 -44.29 4.41
CA PRO A 191 15.71 -44.64 3.43
C PRO A 191 17.13 -44.46 3.97
N LEU A 192 18.03 -45.38 3.61
CA LEU A 192 19.44 -45.35 4.03
C LEU A 192 20.25 -44.23 3.34
N SER A 193 19.63 -43.55 2.36
CA SER A 193 20.20 -42.44 1.57
C SER A 193 19.08 -41.62 0.92
N GLY A 194 19.25 -40.31 0.91
CA GLY A 194 18.28 -39.37 0.33
C GLY A 194 17.19 -38.94 1.28
N GLY A 195 17.30 -39.35 2.55
CA GLY A 195 16.36 -39.04 3.61
C GLY A 195 16.32 -37.56 3.94
N LEU A 196 15.11 -37.03 4.20
CA LEU A 196 14.95 -35.60 4.49
C LEU A 196 14.23 -35.31 5.80
N ILE A 197 14.81 -34.41 6.61
CA ILE A 197 14.25 -33.91 7.86
C ILE A 197 13.99 -32.42 7.64
N ALA A 198 12.71 -32.03 7.51
CA ALA A 198 12.30 -30.65 7.28
C ALA A 198 11.42 -30.16 8.43
N PHE A 199 11.84 -29.06 9.10
CA PHE A 199 11.12 -28.47 10.23
C PHE A 199 10.45 -27.14 9.86
N SER A 200 9.11 -27.12 9.91
CA SER A 200 8.31 -25.93 9.65
C SER A 200 8.00 -25.26 10.99
N THR A 201 8.55 -24.06 11.20
CA THR A 201 8.42 -23.29 12.45
C THR A 201 6.96 -23.04 12.86
N LEU A 202 6.16 -22.45 11.95
CA LEU A 202 4.77 -22.10 12.19
C LEU A 202 3.77 -23.27 12.10
N ASP A 203 4.24 -24.50 11.78
CA ASP A 203 3.37 -25.66 11.70
C ASP A 203 3.00 -26.15 13.10
N GLY A 204 1.70 -26.29 13.34
CA GLY A 204 1.16 -26.73 14.62
C GLY A 204 0.86 -25.62 15.59
N ARG A 205 1.42 -24.41 15.37
CA ARG A 205 1.24 -23.22 16.22
C ARG A 205 -0.19 -22.69 16.03
N PRO A 206 -0.96 -22.48 17.13
CA PRO A 206 -2.35 -22.03 16.99
C PRO A 206 -2.56 -20.64 16.41
N SER A 207 -1.68 -19.67 16.72
CA SER A 207 -1.80 -18.28 16.25
C SER A 207 -1.33 -18.06 14.79
N ALA A 208 -0.74 -19.09 14.15
CA ALA A 208 -0.21 -19.06 12.77
C ALA A 208 -1.17 -18.44 11.75
N HIS A 209 -2.49 -18.70 11.90
CA HIS A 209 -3.57 -18.19 11.05
C HIS A 209 -3.54 -16.67 10.92
N ASP A 210 -3.09 -15.96 11.97
CA ASP A 210 -2.97 -14.51 12.04
C ASP A 210 -1.56 -14.14 12.54
N PHE A 211 -0.52 -14.55 11.79
CA PHE A 211 0.88 -14.29 12.13
C PHE A 211 1.20 -12.80 12.14
N ASP A 212 0.71 -12.06 11.12
CA ASP A 212 0.89 -10.63 10.93
C ASP A 212 0.64 -9.79 12.19
N ASN A 213 -0.31 -10.23 13.05
CA ASN A 213 -0.67 -9.54 14.30
C ASN A 213 -0.28 -10.34 15.56
N SER A 214 0.55 -11.40 15.41
CA SER A 214 0.99 -12.24 16.54
C SER A 214 2.46 -11.97 16.92
N PRO A 215 2.73 -11.15 17.97
CA PRO A 215 4.12 -10.88 18.37
C PRO A 215 4.83 -12.09 18.98
N VAL A 216 4.05 -13.04 19.55
CA VAL A 216 4.53 -14.27 20.18
C VAL A 216 5.24 -15.13 19.13
N LEU A 217 4.62 -15.28 17.95
CA LEU A 217 5.16 -16.06 16.83
C LEU A 217 6.15 -15.26 15.99
N GLN A 218 6.01 -13.91 15.96
CA GLN A 218 6.92 -13.00 15.25
C GLN A 218 8.31 -13.14 15.85
N ASP A 219 8.35 -13.43 17.16
CA ASP A 219 9.55 -13.64 17.95
C ASP A 219 10.10 -15.06 17.75
N TRP A 220 9.19 -16.08 17.76
CA TRP A 220 9.52 -17.49 17.59
C TRP A 220 10.29 -17.78 16.28
N VAL A 221 9.84 -17.19 15.17
CA VAL A 221 10.48 -17.36 13.86
C VAL A 221 11.84 -16.64 13.75
N THR A 222 12.04 -15.57 14.55
CA THR A 222 13.26 -14.76 14.58
C THR A 222 14.48 -15.54 15.09
N ALA A 223 15.59 -15.47 14.34
CA ALA A 223 16.87 -16.13 14.67
C ALA A 223 18.03 -15.48 13.91
N THR A 224 19.20 -15.44 14.55
CA THR A 224 20.43 -14.91 13.94
C THR A 224 21.32 -16.09 13.59
N ASP A 225 21.35 -17.13 14.45
CA ASP A 225 22.15 -18.32 14.22
C ASP A 225 21.29 -19.57 14.33
N ILE A 226 21.69 -20.65 13.62
CA ILE A 226 21.01 -21.94 13.62
C ILE A 226 22.03 -23.03 13.94
N ARG A 227 21.73 -23.89 14.94
CA ARG A 227 22.61 -24.99 15.35
C ARG A 227 21.88 -26.32 15.24
N VAL A 228 22.45 -27.26 14.47
CA VAL A 228 21.91 -28.61 14.28
C VAL A 228 22.86 -29.59 14.96
N ALA A 229 22.37 -30.37 15.92
CA ALA A 229 23.20 -31.35 16.62
C ALA A 229 22.60 -32.75 16.52
N PHE A 230 23.36 -33.68 15.89
CA PHE A 230 22.96 -35.08 15.73
C PHE A 230 23.50 -35.88 16.91
N SER A 231 22.61 -36.30 17.83
CA SER A 231 22.98 -37.01 19.05
C SER A 231 23.19 -38.53 18.88
N ARG A 232 22.20 -39.27 18.34
CA ARG A 232 22.33 -40.72 18.17
C ARG A 232 22.30 -41.18 16.72
N LEU A 233 23.11 -42.22 16.43
CA LEU A 233 23.25 -42.88 15.13
C LEU A 233 22.36 -44.10 15.03
N HIS A 234 21.80 -44.34 13.85
CA HIS A 234 20.98 -45.51 13.58
C HIS A 234 21.92 -46.69 13.25
N THR A 235 21.74 -47.82 13.95
CA THR A 235 22.59 -48.98 13.76
C THR A 235 21.79 -50.28 13.57
N PHE A 236 22.38 -51.23 12.83
CA PHE A 236 21.78 -52.54 12.57
C PHE A 236 21.93 -53.49 13.76
N GLY A 237 22.92 -53.23 14.62
CA GLY A 237 23.19 -54.02 15.81
C GLY A 237 24.55 -54.68 15.85
N ASP A 238 25.31 -54.60 14.73
CA ASP A 238 26.65 -55.18 14.60
C ASP A 238 27.76 -54.32 15.26
N GLU A 239 27.39 -53.10 15.72
CA GLU A 239 28.26 -52.10 16.37
C GLU A 239 29.02 -52.61 17.61
N ASN A 240 28.35 -53.44 18.44
CA ASN A 240 28.94 -54.00 19.66
C ASN A 240 29.26 -55.49 19.49
N GLU A 241 30.22 -55.77 18.59
CA GLU A 241 30.69 -57.10 18.25
C GLU A 241 32.22 -57.10 18.24
N ASP A 242 32.84 -58.29 18.18
CA ASP A 242 34.31 -58.41 18.14
C ASP A 242 34.88 -57.91 16.81
N ASP A 243 34.25 -58.30 15.67
CA ASP A 243 34.67 -57.85 14.34
C ASP A 243 33.83 -56.61 13.96
N SER A 244 33.95 -55.55 14.77
CA SER A 244 33.23 -54.29 14.60
C SER A 244 33.98 -53.26 13.74
N GLU A 245 35.19 -53.61 13.25
CA GLU A 245 36.01 -52.72 12.42
C GLU A 245 35.29 -52.26 11.14
N LEU A 246 34.81 -53.23 10.34
CA LEU A 246 34.07 -52.96 9.11
C LEU A 246 32.69 -52.35 9.41
N ALA A 247 32.02 -52.87 10.44
CA ALA A 247 30.70 -52.46 10.89
C ALA A 247 30.64 -51.00 11.34
N ARG A 248 31.58 -50.56 12.22
CA ARG A 248 31.62 -49.18 12.70
C ARG A 248 31.98 -48.17 11.61
N ASP A 249 32.70 -48.62 10.57
CA ASP A 249 33.09 -47.80 9.41
C ASP A 249 31.88 -47.50 8.50
N SER A 250 30.76 -48.22 8.71
CA SER A 250 29.52 -48.08 7.94
C SER A 250 28.57 -47.01 8.52
N TYR A 251 28.82 -46.57 9.78
CA TYR A 251 27.99 -45.57 10.46
C TYR A 251 28.65 -44.22 10.56
N PHE A 252 27.92 -43.18 10.10
CA PHE A 252 28.34 -41.77 10.07
C PHE A 252 27.15 -40.87 9.72
N TYR A 253 27.33 -39.54 9.87
CA TYR A 253 26.33 -38.55 9.48
C TYR A 253 26.84 -37.85 8.22
N ALA A 254 25.99 -37.76 7.20
CA ALA A 254 26.31 -37.12 5.92
C ALA A 254 25.11 -36.33 5.40
N VAL A 255 25.29 -35.01 5.22
CA VAL A 255 24.24 -34.07 4.79
C VAL A 255 24.55 -33.47 3.41
N SER A 256 23.75 -33.80 2.39
CA SER A 256 23.90 -33.30 1.03
C SER A 256 23.55 -31.82 0.88
N ASP A 257 22.55 -31.36 1.66
CA ASP A 257 22.09 -29.98 1.62
C ASP A 257 21.46 -29.53 2.92
N LEU A 258 21.73 -28.28 3.30
CA LEU A 258 21.18 -27.64 4.49
C LEU A 258 20.51 -26.35 4.05
N GLN A 259 19.22 -26.22 4.39
CA GLN A 259 18.44 -25.04 4.04
C GLN A 259 17.84 -24.38 5.26
N VAL A 260 17.93 -23.05 5.30
CA VAL A 260 17.36 -22.21 6.34
C VAL A 260 16.60 -21.13 5.55
N GLY A 261 15.34 -21.42 5.28
CA GLY A 261 14.46 -20.56 4.51
C GLY A 261 13.63 -19.62 5.36
N GLY A 262 13.47 -18.40 4.87
CA GLY A 262 12.72 -17.36 5.55
C GLY A 262 12.94 -16.00 4.92
N ARG A 263 12.73 -14.93 5.70
CA ARG A 263 12.88 -13.55 5.23
C ARG A 263 13.68 -12.71 6.21
N CYS A 264 14.44 -11.72 5.70
CA CYS A 264 15.24 -10.78 6.51
C CYS A 264 14.28 -9.99 7.41
N LYS A 265 14.50 -9.98 8.74
CA LYS A 265 13.62 -9.28 9.67
C LYS A 265 13.76 -7.76 9.57
N CYS A 266 12.81 -7.11 8.90
CA CYS A 266 12.79 -5.66 8.69
C CYS A 266 11.49 -5.05 9.21
N ASN A 267 10.64 -5.86 9.89
CA ASN A 267 9.35 -5.49 10.48
C ASN A 267 8.39 -4.82 9.45
N GLY A 268 8.52 -5.23 8.20
CA GLY A 268 7.72 -4.72 7.07
C GLY A 268 8.05 -3.30 6.67
N HIS A 269 9.21 -2.79 7.13
CA HIS A 269 9.67 -1.43 6.86
C HIS A 269 10.82 -1.34 5.86
N ALA A 270 11.24 -2.48 5.28
CA ALA A 270 12.30 -2.51 4.28
C ALA A 270 12.09 -3.61 3.25
N ALA A 271 12.26 -3.25 1.97
CA ALA A 271 12.08 -4.14 0.83
C ALA A 271 13.29 -5.06 0.57
N ARG A 272 14.47 -4.71 1.12
CA ARG A 272 15.70 -5.49 0.93
C ARG A 272 16.70 -5.35 2.08
N CYS A 273 17.60 -6.33 2.22
CA CYS A 273 18.69 -6.34 3.20
C CYS A 273 19.99 -6.03 2.46
N VAL A 274 20.66 -4.94 2.87
CA VAL A 274 21.88 -4.39 2.27
C VAL A 274 23.09 -4.57 3.21
N ARG A 275 24.29 -4.78 2.62
CA ARG A 275 25.54 -4.89 3.38
C ARG A 275 25.94 -3.52 3.94
N ASP A 276 26.27 -3.46 5.25
CA ASP A 276 26.64 -2.25 5.99
C ASP A 276 28.17 -1.98 5.96
N ARG A 277 28.59 -0.83 6.54
CA ARG A 277 29.98 -0.39 6.65
C ARG A 277 30.86 -1.41 7.39
N ASP A 278 30.32 -2.09 8.41
CA ASP A 278 31.02 -3.12 9.18
C ASP A 278 30.90 -4.52 8.53
N ASP A 279 30.60 -4.55 7.20
CA ASP A 279 30.45 -5.72 6.33
C ASP A 279 29.30 -6.68 6.74
N SER A 280 28.51 -6.33 7.77
CA SER A 280 27.37 -7.14 8.21
C SER A 280 26.10 -6.75 7.45
N LEU A 281 25.11 -7.65 7.38
CA LEU A 281 23.85 -7.41 6.67
C LEU A 281 22.90 -6.61 7.55
N VAL A 282 22.27 -5.55 7.00
CA VAL A 282 21.29 -4.68 7.68
C VAL A 282 20.11 -4.37 6.74
N CYS A 283 18.97 -3.95 7.29
CA CYS A 283 17.81 -3.58 6.47
C CYS A 283 18.00 -2.22 5.82
N ASP A 284 17.53 -2.09 4.57
CA ASP A 284 17.54 -0.83 3.82
C ASP A 284 16.22 -0.16 4.22
N CYS A 285 16.16 0.31 5.48
CA CYS A 285 14.99 0.89 6.13
C CYS A 285 14.36 2.03 5.36
N ARG A 286 13.02 1.98 5.28
CA ARG A 286 12.15 2.98 4.67
C ARG A 286 11.10 3.32 5.72
N HIS A 287 10.02 4.05 5.37
CA HIS A 287 8.93 4.46 6.28
C HIS A 287 9.43 5.26 7.50
N ASN A 288 10.53 6.04 7.32
CA ASN A 288 11.20 6.86 8.33
C ASN A 288 11.62 6.05 9.58
N THR A 289 12.01 4.78 9.37
CA THR A 289 12.47 3.90 10.44
C THR A 289 13.99 3.78 10.38
N ALA A 290 14.61 3.34 11.48
CA ALA A 290 16.05 3.17 11.61
C ALA A 290 16.39 1.89 12.38
N GLY A 291 17.69 1.61 12.54
CA GLY A 291 18.16 0.42 13.24
C GLY A 291 18.43 -0.75 12.31
N PRO A 292 19.06 -1.84 12.80
CA PRO A 292 19.36 -2.97 11.90
C PRO A 292 18.12 -3.66 11.34
N GLU A 293 17.11 -3.90 12.20
CA GLU A 293 15.85 -4.57 11.87
C GLU A 293 14.68 -3.60 11.69
N CYS A 294 14.97 -2.30 11.47
CA CYS A 294 13.98 -1.21 11.34
C CYS A 294 13.09 -1.12 12.60
N ASP A 295 13.59 -1.65 13.74
CA ASP A 295 12.95 -1.73 15.04
C ASP A 295 12.64 -0.38 15.71
N ARG A 296 13.31 0.69 15.28
CA ARG A 296 13.14 2.03 15.84
C ARG A 296 12.81 3.10 14.78
N CYS A 297 12.50 4.32 15.23
CA CYS A 297 12.20 5.46 14.35
C CYS A 297 13.47 6.25 14.10
N LYS A 298 13.57 6.84 12.89
CA LYS A 298 14.69 7.69 12.46
C LYS A 298 14.74 8.92 13.38
N PRO A 299 15.95 9.43 13.78
CA PRO A 299 15.98 10.61 14.66
C PRO A 299 15.12 11.78 14.17
N PHE A 300 14.42 12.44 15.12
CA PHE A 300 13.49 13.56 14.94
C PHE A 300 12.09 13.08 14.44
N HIS A 301 11.95 11.78 14.15
CA HIS A 301 10.66 11.23 13.71
C HIS A 301 9.98 10.47 14.85
N TYR A 302 9.77 11.18 15.98
CA TYR A 302 9.16 10.63 17.20
C TYR A 302 7.79 11.24 17.53
N ASP A 303 6.98 11.60 16.51
CA ASP A 303 5.65 12.20 16.72
C ASP A 303 4.64 11.20 17.32
N ARG A 304 4.73 9.93 16.89
CA ARG A 304 3.89 8.83 17.37
C ARG A 304 4.76 7.60 17.72
N PRO A 305 4.34 6.69 18.63
CA PRO A 305 5.20 5.54 18.96
C PRO A 305 5.40 4.59 17.80
N TRP A 306 6.56 3.90 17.76
CA TRP A 306 6.91 2.95 16.71
C TRP A 306 5.95 1.74 16.72
N GLN A 307 5.69 1.18 15.53
CA GLN A 307 4.84 0.01 15.33
C GLN A 307 5.26 -0.75 14.07
N ARG A 308 5.20 -2.10 14.13
CA ARG A 308 5.52 -3.00 13.01
C ARG A 308 4.46 -2.86 11.92
N ALA A 309 4.89 -2.80 10.64
CA ALA A 309 4.00 -2.67 9.50
C ALA A 309 3.18 -3.93 9.26
N THR A 310 1.87 -3.74 9.01
CA THR A 310 0.90 -4.81 8.73
C THR A 310 0.30 -4.61 7.33
N ALA A 311 -0.19 -5.70 6.72
CA ALA A 311 -0.81 -5.68 5.39
C ALA A 311 -1.93 -4.65 5.28
N ARG A 312 -2.70 -4.47 6.37
CA ARG A 312 -3.79 -3.51 6.47
C ARG A 312 -3.25 -2.09 6.58
N GLU A 313 -2.31 -1.84 7.54
CA GLU A 313 -1.75 -0.51 7.78
C GLU A 313 -0.22 -0.48 7.92
N ALA A 314 0.44 0.39 7.14
CA ALA A 314 1.89 0.62 7.21
C ALA A 314 2.08 1.63 8.33
N ASN A 315 2.87 1.29 9.34
CA ASN A 315 3.06 2.17 10.48
C ASN A 315 4.37 2.97 10.38
N GLU A 316 4.39 3.92 9.43
CA GLU A 316 5.54 4.79 9.21
C GLU A 316 5.74 5.76 10.38
N CYS A 317 6.99 6.18 10.62
CA CYS A 317 7.28 7.14 11.69
C CYS A 317 6.97 8.53 11.16
N VAL A 318 6.45 9.42 12.02
CA VAL A 318 6.09 10.79 11.64
C VAL A 318 7.07 11.78 12.26
N ALA A 319 7.56 12.74 11.45
CA ALA A 319 8.49 13.78 11.87
C ALA A 319 7.79 14.81 12.75
N CYS A 320 8.51 15.30 13.78
CA CYS A 320 8.01 16.32 14.70
C CYS A 320 7.78 17.64 13.95
N ASN A 321 6.64 18.31 14.21
CA ASN A 321 6.35 19.59 13.58
C ASN A 321 7.06 20.67 14.41
N CYS A 322 8.11 21.30 13.85
CA CYS A 322 8.89 22.30 14.57
C CYS A 322 9.02 23.64 13.84
N ASN A 323 8.19 23.86 12.78
CA ASN A 323 8.16 25.07 11.94
C ASN A 323 9.56 25.47 11.42
N LEU A 324 10.42 24.45 11.16
CA LEU A 324 11.81 24.56 10.69
C LEU A 324 12.70 25.32 11.69
N HIS A 325 12.45 25.12 13.00
CA HIS A 325 13.19 25.78 14.08
C HIS A 325 13.93 24.82 15.02
N ALA A 326 13.71 23.50 14.88
CA ALA A 326 14.39 22.51 15.72
C ALA A 326 14.84 21.29 14.90
N ARG A 327 16.02 20.76 15.24
CA ARG A 327 16.62 19.59 14.60
C ARG A 327 16.43 18.34 15.47
N ARG A 328 16.17 18.56 16.78
CA ARG A 328 15.97 17.51 17.77
C ARG A 328 14.60 17.65 18.44
N CYS A 329 13.92 16.52 18.69
CA CYS A 329 12.59 16.45 19.33
C CYS A 329 12.45 15.21 20.22
N ARG A 330 11.54 15.26 21.19
CA ARG A 330 11.23 14.16 22.11
C ARG A 330 9.73 13.77 22.03
N PHE A 331 9.27 12.83 22.87
CA PHE A 331 7.89 12.35 22.89
C PHE A 331 7.31 12.37 24.31
N ASN A 332 5.98 12.55 24.41
CA ASN A 332 5.24 12.53 25.68
C ASN A 332 3.90 11.82 25.47
N MET A 333 3.76 10.62 26.08
CA MET A 333 2.58 9.75 25.99
C MET A 333 1.27 10.43 26.42
N GLU A 334 1.30 11.16 27.57
CA GLU A 334 0.15 11.88 28.11
C GLU A 334 -0.41 12.84 27.06
N LEU A 335 0.49 13.61 26.39
CA LEU A 335 0.16 14.57 25.34
C LEU A 335 -0.36 13.88 24.07
N TYR A 336 0.16 12.67 23.78
CA TYR A 336 -0.25 11.85 22.63
C TYR A 336 -1.71 11.41 22.76
N LYS A 337 -2.08 10.97 23.98
CA LYS A 337 -3.45 10.54 24.32
C LYS A 337 -4.41 11.74 24.27
N LEU A 338 -3.91 12.94 24.64
CA LEU A 338 -4.66 14.20 24.63
C LEU A 338 -5.05 14.63 23.22
N SER A 339 -4.20 14.32 22.22
CA SER A 339 -4.46 14.62 20.81
C SER A 339 -5.40 13.58 20.19
N GLY A 340 -5.69 12.53 20.94
CA GLY A 340 -6.55 11.43 20.49
C GLY A 340 -5.77 10.41 19.70
N ARG A 341 -4.55 10.06 20.20
CA ARG A 341 -3.60 9.13 19.61
C ARG A 341 -3.17 9.55 18.19
N LYS A 342 -2.92 10.86 18.01
CA LYS A 342 -2.53 11.47 16.74
C LYS A 342 -1.08 11.98 16.75
N SER A 343 -0.71 12.79 17.77
CA SER A 343 0.63 13.37 17.91
C SER A 343 1.01 13.59 19.39
N GLY A 344 2.27 13.30 19.72
CA GLY A 344 2.81 13.47 21.06
C GLY A 344 4.23 13.99 21.11
N GLY A 345 4.71 14.52 19.98
CA GLY A 345 6.05 15.07 19.83
C GLY A 345 6.23 16.47 20.36
N VAL A 346 7.37 16.70 21.03
CA VAL A 346 7.77 17.99 21.63
C VAL A 346 9.16 18.35 21.09
N CYS A 347 9.31 19.56 20.49
CA CYS A 347 10.60 20.03 19.96
C CYS A 347 11.57 20.35 21.09
N LEU A 348 12.88 20.13 20.85
CA LEU A 348 13.94 20.40 21.83
C LEU A 348 14.89 21.50 21.36
N ASN A 349 15.09 22.52 22.22
CA ASN A 349 15.96 23.69 22.01
C ASN A 349 15.68 24.39 20.68
N CYS A 350 14.58 25.16 20.61
CA CYS A 350 14.17 25.87 19.40
C CYS A 350 15.17 26.98 19.06
N ARG A 351 15.71 26.95 17.83
CA ARG A 351 16.66 27.92 17.29
C ARG A 351 15.91 29.17 16.82
N HIS A 352 16.64 30.20 16.35
CA HIS A 352 16.12 31.46 15.81
C HIS A 352 15.17 32.19 16.80
N ASN A 353 15.55 32.15 18.10
CA ASN A 353 14.89 32.78 19.25
C ASN A 353 13.37 32.50 19.31
N THR A 354 13.00 31.20 19.25
CA THR A 354 11.62 30.74 19.33
C THR A 354 11.41 29.84 20.55
N ALA A 355 10.14 29.61 20.92
CA ALA A 355 9.76 28.78 22.07
C ALA A 355 8.44 28.04 21.81
N GLY A 356 8.16 27.02 22.61
CA GLY A 356 6.94 26.24 22.51
C GLY A 356 7.15 24.78 22.18
N ARG A 357 6.05 24.00 22.19
CA ARG A 357 6.02 22.58 21.87
C ARG A 357 6.45 22.35 20.42
N HIS A 358 5.99 23.23 19.51
CA HIS A 358 6.27 23.16 18.07
C HIS A 358 7.06 24.39 17.57
N CYS A 359 7.63 25.20 18.50
CA CYS A 359 8.34 26.47 18.25
C CYS A 359 7.41 27.44 17.48
N HIS A 360 6.10 27.41 17.80
CA HIS A 360 5.02 28.18 17.17
C HIS A 360 4.92 29.64 17.62
N TYR A 361 5.78 30.08 18.56
CA TYR A 361 5.81 31.46 19.05
C TYR A 361 7.23 31.92 19.42
N CYS A 362 7.40 33.22 19.68
CA CYS A 362 8.68 33.83 20.01
C CYS A 362 9.07 33.67 21.48
N LYS A 363 10.39 33.64 21.73
CA LYS A 363 11.04 33.53 23.04
C LYS A 363 10.62 34.70 23.94
N GLU A 364 10.66 34.50 25.28
CA GLU A 364 10.31 35.53 26.26
C GLU A 364 11.30 36.70 26.17
N GLY A 365 10.82 37.80 25.60
CA GLY A 365 11.61 39.01 25.37
C GLY A 365 11.92 39.23 23.90
N TYR A 366 11.08 38.67 23.01
CA TYR A 366 11.17 38.75 21.55
C TYR A 366 9.76 38.92 20.98
N TYR A 367 9.58 39.84 20.02
CA TYR A 367 8.26 40.07 19.42
C TYR A 367 8.12 39.47 18.02
N ARG A 368 6.90 39.01 17.71
CA ARG A 368 6.55 38.38 16.44
C ARG A 368 6.49 39.37 15.27
N ASP A 369 7.32 39.14 14.24
CA ASP A 369 7.36 39.94 13.02
C ASP A 369 6.21 39.47 12.12
N MET A 370 5.15 40.31 12.03
CA MET A 370 3.93 40.01 11.28
C MET A 370 4.10 39.91 9.76
N GLY A 371 5.16 40.50 9.22
CA GLY A 371 5.47 40.46 7.80
C GLY A 371 5.94 39.10 7.33
N LYS A 372 7.01 38.59 7.96
CA LYS A 372 7.61 37.29 7.66
C LYS A 372 6.80 36.12 8.28
N PRO A 373 6.74 34.92 7.63
CA PRO A 373 5.98 33.81 8.24
C PRO A 373 6.70 33.15 9.41
N ILE A 374 5.99 32.29 10.18
CA ILE A 374 6.52 31.61 11.37
C ILE A 374 7.67 30.61 11.02
N THR A 375 7.67 30.05 9.79
CA THR A 375 8.68 29.11 9.32
C THR A 375 10.05 29.74 9.09
N HIS A 376 10.09 31.05 8.76
CA HIS A 376 11.29 31.83 8.49
C HIS A 376 12.16 32.07 9.73
N ARG A 377 13.49 32.24 9.53
CA ARG A 377 14.50 32.48 10.57
C ARG A 377 14.28 33.84 11.27
N LYS A 378 13.91 34.87 10.48
CA LYS A 378 13.69 36.24 10.94
C LYS A 378 12.24 36.49 11.42
N ALA A 379 11.53 35.42 11.86
CA ALA A 379 10.15 35.49 12.35
C ALA A 379 10.05 36.23 13.69
N CYS A 380 11.15 36.24 14.48
CA CYS A 380 11.21 36.90 15.78
C CYS A 380 12.26 37.98 15.82
N LYS A 381 11.86 39.20 16.22
CA LYS A 381 12.72 40.36 16.36
C LYS A 381 12.94 40.65 17.85
N ALA A 382 14.16 41.10 18.22
CA ALA A 382 14.51 41.42 19.60
C ALA A 382 13.82 42.70 20.07
N CYS A 383 13.28 42.67 21.30
CA CYS A 383 12.59 43.83 21.90
C CYS A 383 13.54 45.02 22.08
N ASP A 384 14.85 44.74 22.36
CA ASP A 384 15.94 45.70 22.56
C ASP A 384 15.63 46.73 23.67
N CYS A 385 14.94 46.27 24.73
CA CYS A 385 14.53 47.10 25.87
C CYS A 385 15.74 47.62 26.64
N HIS A 386 15.74 48.94 26.93
CA HIS A 386 16.81 49.61 27.66
C HIS A 386 16.85 49.14 29.12
N PRO A 387 18.03 48.80 29.67
CA PRO A 387 18.09 48.32 31.07
C PRO A 387 17.71 49.36 32.13
N VAL A 388 17.84 50.66 31.80
CA VAL A 388 17.53 51.76 32.71
C VAL A 388 16.12 52.32 32.43
N GLY A 389 15.82 52.59 31.16
CA GLY A 389 14.56 53.15 30.71
C GLY A 389 13.34 52.27 30.92
N ALA A 390 13.37 51.06 30.34
CA ALA A 390 12.28 50.09 30.44
C ALA A 390 12.23 49.41 31.81
N ALA A 391 11.02 49.03 32.24
CA ALA A 391 10.79 48.33 33.51
C ALA A 391 10.92 46.81 33.35
N GLY A 392 10.27 46.26 32.32
CA GLY A 392 10.29 44.84 32.02
C GLY A 392 11.15 44.48 30.82
N LYS A 393 11.51 43.20 30.72
CA LYS A 393 12.33 42.65 29.63
C LYS A 393 11.48 42.18 28.44
N THR A 394 10.28 41.63 28.72
CA THR A 394 9.34 41.14 27.72
C THR A 394 8.50 42.30 27.17
N CYS A 395 8.42 42.42 25.84
CA CYS A 395 7.66 43.47 25.17
C CYS A 395 6.35 42.92 24.53
N ASN A 396 5.53 43.80 23.93
CA ASN A 396 4.28 43.44 23.26
C ASN A 396 4.58 42.67 21.98
N GLN A 397 4.00 41.47 21.83
CA GLN A 397 4.23 40.57 20.69
C GLN A 397 3.68 41.08 19.35
N THR A 398 2.63 41.91 19.38
CA THR A 398 1.99 42.44 18.16
C THR A 398 2.60 43.79 17.72
N THR A 399 2.50 44.83 18.58
CA THR A 399 2.98 46.18 18.28
C THR A 399 4.52 46.33 18.35
N GLY A 400 5.13 45.65 19.32
CA GLY A 400 6.58 45.72 19.55
C GLY A 400 6.96 46.64 20.69
N GLN A 401 5.96 47.28 21.32
CA GLN A 401 6.10 48.23 22.43
C GLN A 401 6.56 47.54 23.73
N CYS A 402 7.61 48.09 24.34
CA CYS A 402 8.18 47.58 25.59
C CYS A 402 7.59 48.35 26.79
N PRO A 403 7.27 47.69 27.94
CA PRO A 403 6.70 48.45 29.08
C PRO A 403 7.70 49.41 29.73
N CYS A 404 7.65 50.68 29.31
CA CYS A 404 8.53 51.74 29.81
C CYS A 404 8.11 52.20 31.21
N LYS A 405 9.04 52.85 31.94
CA LYS A 405 8.81 53.38 33.28
C LYS A 405 8.02 54.70 33.20
N ASP A 406 7.63 55.26 34.36
CA ASP A 406 6.86 56.51 34.48
C ASP A 406 7.63 57.70 33.90
N GLY A 407 7.09 58.27 32.82
CA GLY A 407 7.67 59.40 32.11
C GLY A 407 8.56 59.02 30.94
N VAL A 408 8.63 57.70 30.63
CA VAL A 408 9.45 57.15 29.54
C VAL A 408 8.55 56.70 28.37
N THR A 409 8.93 57.05 27.13
CA THR A 409 8.23 56.68 25.89
C THR A 409 9.21 56.17 24.83
N GLY A 410 8.69 55.39 23.87
CA GLY A 410 9.47 54.81 22.79
C GLY A 410 9.40 53.29 22.78
N ILE A 411 9.60 52.70 21.58
CA ILE A 411 9.56 51.24 21.34
C ILE A 411 10.63 50.50 22.21
N THR A 412 11.84 51.08 22.32
CA THR A 412 12.95 50.51 23.10
C THR A 412 13.07 51.12 24.51
N CYS A 413 12.27 52.18 24.79
CA CYS A 413 12.21 52.96 26.05
C CYS A 413 13.55 53.66 26.32
N ASN A 414 13.99 54.49 25.36
CA ASN A 414 15.25 55.23 25.42
C ASN A 414 15.05 56.76 25.40
N ARG A 415 13.81 57.20 25.17
CA ARG A 415 13.45 58.62 25.09
C ARG A 415 12.63 59.07 26.29
N CYS A 416 12.76 60.35 26.69
CA CYS A 416 11.98 60.97 27.75
C CYS A 416 10.88 61.79 27.08
N ALA A 417 9.63 61.64 27.56
CA ALA A 417 8.45 62.33 27.02
C ALA A 417 8.53 63.86 27.16
N LYS A 418 7.82 64.58 26.27
CA LYS A 418 7.77 66.05 26.25
C LYS A 418 7.19 66.58 27.57
N GLY A 419 8.06 67.15 28.38
CA GLY A 419 7.73 67.69 29.70
C GLY A 419 8.49 67.02 30.83
N TYR A 420 9.23 65.92 30.50
CA TYR A 420 10.03 65.16 31.44
C TYR A 420 11.53 65.34 31.19
N GLN A 421 12.30 65.57 32.26
CA GLN A 421 13.75 65.77 32.22
C GLN A 421 14.48 64.53 32.73
N GLN A 422 15.54 64.09 32.01
CA GLN A 422 16.33 62.91 32.36
C GLN A 422 17.12 63.14 33.66
N SER A 423 16.86 62.29 34.67
CA SER A 423 17.49 62.36 36.00
C SER A 423 18.57 61.30 36.23
N ARG A 424 19.43 61.55 37.25
CA ARG A 424 20.55 60.69 37.64
C ARG A 424 20.13 59.40 38.37
N SER A 425 18.93 59.37 38.99
CA SER A 425 18.43 58.20 39.73
C SER A 425 18.07 57.03 38.78
N PRO A 426 18.47 55.78 39.11
CA PRO A 426 18.15 54.65 38.21
C PRO A 426 16.69 54.20 38.26
N ILE A 427 16.00 54.40 39.42
CA ILE A 427 14.60 54.04 39.64
C ILE A 427 13.67 54.89 38.76
N ALA A 428 13.82 56.22 38.82
CA ALA A 428 13.04 57.16 38.02
C ALA A 428 13.95 57.76 36.92
N PRO A 429 13.84 57.31 35.66
CA PRO A 429 14.74 57.83 34.60
C PRO A 429 14.38 59.24 34.12
N CYS A 430 13.09 59.53 33.90
CA CYS A 430 12.62 60.84 33.43
C CYS A 430 11.72 61.49 34.49
N GLY B 3 25.90 -24.58 -25.10
CA GLY B 3 26.80 -25.09 -24.07
C GLY B 3 26.09 -25.79 -22.94
N GLU B 4 26.12 -27.15 -22.96
CA GLU B 4 25.51 -28.00 -21.94
C GLU B 4 26.55 -28.56 -20.95
N THR B 5 27.72 -27.89 -20.86
CA THR B 5 28.78 -28.27 -19.94
C THR B 5 28.51 -27.75 -18.52
N ARG B 6 27.77 -26.62 -18.41
CA ARG B 6 27.41 -25.97 -17.15
C ARG B 6 25.92 -26.12 -16.82
N VAL B 7 25.60 -25.98 -15.52
CA VAL B 7 24.27 -26.05 -14.93
C VAL B 7 23.54 -24.72 -15.24
N PRO B 8 22.20 -24.69 -15.54
CA PRO B 8 21.55 -23.40 -15.82
C PRO B 8 21.58 -22.43 -14.65
N GLU B 9 21.66 -21.13 -14.95
CA GLU B 9 21.71 -20.08 -13.93
C GLU B 9 20.34 -19.82 -13.29
N VAL B 10 20.32 -19.01 -12.22
CA VAL B 10 19.13 -18.62 -11.48
C VAL B 10 18.16 -17.82 -12.41
N PRO B 11 16.82 -18.07 -12.39
CA PRO B 11 15.92 -17.29 -13.28
C PRO B 11 15.93 -15.80 -12.96
N SER B 12 15.56 -14.94 -13.93
CA SER B 12 15.58 -13.49 -13.73
C SER B 12 14.50 -12.99 -12.75
N SER B 13 13.29 -13.60 -12.74
CA SER B 13 12.20 -13.23 -11.83
C SER B 13 11.24 -14.37 -11.50
N LEU B 14 10.59 -14.29 -10.31
CA LEU B 14 9.59 -15.25 -9.82
C LEU B 14 8.45 -14.51 -9.11
N HIS B 15 7.20 -14.78 -9.53
CA HIS B 15 6.00 -14.18 -8.98
C HIS B 15 4.94 -15.22 -8.67
N VAL B 16 4.30 -15.10 -7.50
CA VAL B 16 3.30 -16.04 -7.01
C VAL B 16 1.99 -15.32 -6.65
N ARG B 17 0.85 -15.84 -7.17
CA ARG B 17 -0.49 -15.31 -6.94
C ARG B 17 -1.36 -16.39 -6.26
N PRO B 18 -1.82 -16.21 -5.01
CA PRO B 18 -2.60 -17.28 -4.36
C PRO B 18 -4.11 -17.27 -4.63
N LEU B 19 -4.75 -18.45 -4.48
CA LEU B 19 -6.19 -18.67 -4.66
C LEU B 19 -6.75 -19.59 -3.55
N VAL B 20 -8.00 -20.08 -3.71
CA VAL B 20 -8.65 -20.95 -2.71
C VAL B 20 -8.00 -22.35 -2.63
N THR B 21 -7.85 -23.05 -3.78
CA THR B 21 -7.23 -24.39 -3.86
C THR B 21 -6.09 -24.38 -4.89
N SER B 22 -5.75 -23.19 -5.40
CA SER B 22 -4.72 -23.00 -6.41
C SER B 22 -3.71 -21.92 -6.04
N ILE B 23 -2.56 -21.92 -6.73
CA ILE B 23 -1.46 -20.96 -6.61
C ILE B 23 -0.88 -20.80 -8.02
N VAL B 24 -0.88 -19.56 -8.53
CA VAL B 24 -0.39 -19.27 -9.87
C VAL B 24 1.05 -18.75 -9.81
N VAL B 25 1.96 -19.55 -10.34
CA VAL B 25 3.40 -19.28 -10.40
C VAL B 25 3.73 -18.73 -11.80
N SER B 26 4.35 -17.54 -11.86
CA SER B 26 4.76 -16.90 -13.11
C SER B 26 6.23 -16.51 -13.02
N TRP B 27 6.99 -16.75 -14.10
CA TRP B 27 8.42 -16.47 -14.11
C TRP B 27 8.95 -15.95 -15.46
N THR B 28 10.26 -15.65 -15.49
CA THR B 28 11.01 -15.18 -16.66
C THR B 28 12.29 -16.04 -16.77
N PRO B 29 12.77 -16.36 -17.99
CA PRO B 29 13.98 -17.21 -18.11
C PRO B 29 15.26 -16.57 -17.57
N PRO B 30 16.34 -17.36 -17.26
CA PRO B 30 17.58 -16.74 -16.76
C PRO B 30 18.20 -15.73 -17.73
N GLU B 31 18.86 -14.69 -17.17
CA GLU B 31 19.50 -13.60 -17.93
C GLU B 31 20.49 -14.12 -18.97
N ASN B 32 21.38 -15.04 -18.58
CA ASN B 32 22.38 -15.61 -19.49
C ASN B 32 21.75 -16.69 -20.37
N GLN B 33 21.56 -16.35 -21.66
CA GLN B 33 20.97 -17.24 -22.66
C GLN B 33 22.00 -18.22 -23.25
N ASN B 34 23.29 -18.06 -22.86
CA ASN B 34 24.42 -18.88 -23.29
C ASN B 34 24.28 -20.35 -22.84
N ILE B 35 23.82 -20.56 -21.59
CA ILE B 35 23.62 -21.91 -21.04
C ILE B 35 22.22 -22.41 -21.44
N VAL B 36 22.17 -23.53 -22.16
CA VAL B 36 20.94 -24.17 -22.65
C VAL B 36 20.06 -24.65 -21.47
N VAL B 37 18.77 -24.30 -21.53
CA VAL B 37 17.77 -24.65 -20.52
C VAL B 37 16.78 -25.63 -21.15
N ARG B 38 16.62 -26.81 -20.53
CA ARG B 38 15.72 -27.85 -21.03
C ARG B 38 14.30 -27.67 -20.46
N GLY B 39 14.21 -27.20 -19.22
CA GLY B 39 12.94 -26.97 -18.56
C GLY B 39 13.03 -26.29 -17.20
N TYR B 40 11.91 -26.31 -16.45
CA TYR B 40 11.81 -25.70 -15.12
C TYR B 40 11.21 -26.67 -14.11
N ALA B 41 11.70 -26.62 -12.86
CA ALA B 41 11.21 -27.45 -11.75
C ALA B 41 10.55 -26.57 -10.69
N ILE B 42 9.29 -26.85 -10.36
CA ILE B 42 8.50 -26.12 -9.37
C ILE B 42 8.32 -26.97 -8.11
N GLY B 43 9.01 -26.57 -7.05
CA GLY B 43 8.96 -27.25 -5.76
C GLY B 43 8.03 -26.52 -4.83
N TYR B 44 6.88 -27.13 -4.49
CA TYR B 44 5.90 -26.54 -3.60
C TYR B 44 5.61 -27.39 -2.37
N GLY B 45 5.12 -26.75 -1.31
CA GLY B 45 4.76 -27.43 -0.07
C GLY B 45 4.45 -26.50 1.09
N ILE B 46 3.66 -27.00 2.06
CA ILE B 46 3.29 -26.25 3.26
C ILE B 46 4.52 -26.21 4.18
N GLY B 47 4.98 -25.00 4.47
CA GLY B 47 6.14 -24.75 5.33
C GLY B 47 7.45 -24.82 4.60
N SER B 48 7.74 -25.98 3.98
CA SER B 48 8.96 -26.24 3.22
C SER B 48 8.61 -26.55 1.77
N PRO B 49 9.46 -26.20 0.78
CA PRO B 49 9.11 -26.48 -0.63
C PRO B 49 9.48 -27.89 -1.10
N HIS B 50 9.76 -28.80 -0.15
CA HIS B 50 10.21 -30.16 -0.44
C HIS B 50 9.10 -31.18 -0.72
N ALA B 51 7.88 -30.94 -0.19
CA ALA B 51 6.72 -31.83 -0.31
C ALA B 51 6.51 -32.42 -1.71
N GLN B 52 6.27 -31.56 -2.73
CA GLN B 52 6.02 -31.99 -4.11
C GLN B 52 6.87 -31.22 -5.13
N THR B 53 7.14 -31.85 -6.29
CA THR B 53 7.94 -31.29 -7.39
C THR B 53 7.21 -31.51 -8.72
N ILE B 54 7.14 -30.45 -9.55
CA ILE B 54 6.50 -30.47 -10.86
C ILE B 54 7.50 -29.96 -11.91
N LYS B 55 7.73 -30.73 -12.98
CA LYS B 55 8.64 -30.35 -14.06
C LYS B 55 7.87 -29.97 -15.32
N VAL B 56 8.15 -28.78 -15.87
CA VAL B 56 7.53 -28.21 -17.08
C VAL B 56 8.58 -27.89 -18.14
N ASP B 57 8.17 -27.72 -19.41
CA ASP B 57 9.06 -27.43 -20.53
C ASP B 57 9.70 -26.03 -20.47
N TYR B 58 10.78 -25.82 -21.24
CA TYR B 58 11.51 -24.55 -21.28
C TYR B 58 10.69 -23.37 -21.83
N LYS B 59 9.69 -23.65 -22.69
CA LYS B 59 8.82 -22.63 -23.30
C LYS B 59 7.86 -22.00 -22.28
N GLN B 60 7.44 -22.77 -21.26
CA GLN B 60 6.49 -22.37 -20.21
C GLN B 60 6.99 -21.20 -19.38
N ARG B 61 6.09 -20.24 -19.09
CA ARG B 61 6.37 -19.03 -18.30
C ARG B 61 5.39 -18.87 -17.12
N TYR B 62 4.40 -19.78 -17.02
CA TYR B 62 3.40 -19.80 -15.96
C TYR B 62 2.92 -21.22 -15.64
N TYR B 63 2.51 -21.46 -14.39
CA TYR B 63 1.97 -22.74 -13.93
C TYR B 63 1.00 -22.56 -12.78
N THR B 64 -0.14 -23.27 -12.82
CA THR B 64 -1.15 -23.21 -11.78
C THR B 64 -1.10 -24.48 -10.94
N ILE B 65 -0.59 -24.36 -9.70
CA ILE B 65 -0.50 -25.50 -8.78
C ILE B 65 -1.91 -25.76 -8.23
N GLU B 66 -2.51 -26.87 -8.65
CA GLU B 66 -3.87 -27.26 -8.27
C GLU B 66 -3.88 -28.22 -7.07
N ASN B 67 -5.10 -28.51 -6.54
CA ASN B 67 -5.39 -29.40 -5.41
C ASN B 67 -4.60 -29.03 -4.14
N LEU B 68 -4.79 -27.78 -3.68
CA LEU B 68 -4.12 -27.26 -2.48
C LEU B 68 -5.13 -26.97 -1.38
N ASP B 69 -4.68 -27.02 -0.12
CA ASP B 69 -5.50 -26.76 1.06
C ASP B 69 -5.74 -25.24 1.21
N PRO B 70 -6.97 -24.80 1.57
CA PRO B 70 -7.19 -23.35 1.75
C PRO B 70 -6.61 -22.84 3.07
N SER B 71 -6.32 -21.52 3.13
CA SER B 71 -5.74 -20.81 4.29
C SER B 71 -4.44 -21.46 4.81
N SER B 72 -3.58 -21.91 3.88
CA SER B 72 -2.31 -22.58 4.17
C SER B 72 -1.13 -21.83 3.54
N HIS B 73 -0.04 -21.66 4.31
CA HIS B 73 1.18 -20.98 3.85
C HIS B 73 2.05 -21.96 3.07
N TYR B 74 2.27 -21.65 1.78
CA TYR B 74 3.06 -22.48 0.87
C TYR B 74 4.36 -21.81 0.44
N VAL B 75 5.46 -22.58 0.44
CA VAL B 75 6.76 -22.12 -0.03
C VAL B 75 7.00 -22.77 -1.39
N ILE B 76 7.25 -21.94 -2.40
CA ILE B 76 7.46 -22.34 -3.80
C ILE B 76 8.89 -22.01 -4.23
N THR B 77 9.50 -22.91 -5.02
CA THR B 77 10.85 -22.76 -5.57
C THR B 77 10.85 -22.98 -7.07
N LEU B 78 11.66 -22.20 -7.79
CA LEU B 78 11.80 -22.37 -9.22
C LEU B 78 13.26 -22.58 -9.60
N LYS B 79 13.55 -23.76 -10.15
CA LYS B 79 14.87 -24.17 -10.61
C LYS B 79 14.87 -24.32 -12.12
N ALA B 80 15.91 -23.82 -12.80
CA ALA B 80 16.08 -23.98 -14.24
C ALA B 80 16.97 -25.20 -14.41
N PHE B 81 16.55 -26.19 -15.23
CA PHE B 81 17.33 -27.41 -15.37
C PHE B 81 17.58 -27.89 -16.80
N ASN B 82 18.72 -28.58 -16.97
CA ASN B 82 19.16 -29.22 -18.20
C ASN B 82 19.73 -30.61 -17.90
N ASN B 83 20.40 -31.24 -18.88
CA ASN B 83 20.96 -32.59 -18.80
C ASN B 83 22.09 -32.77 -17.76
N VAL B 84 22.76 -31.67 -17.34
CA VAL B 84 23.85 -31.77 -16.35
C VAL B 84 23.32 -31.55 -14.90
N GLY B 85 22.14 -30.94 -14.74
CA GLY B 85 21.54 -30.72 -13.43
C GLY B 85 20.53 -29.60 -13.30
N GLU B 86 20.23 -29.23 -12.04
CA GLU B 86 19.27 -28.18 -11.64
C GLU B 86 20.02 -26.98 -11.06
N GLY B 87 19.66 -25.78 -11.50
CA GLY B 87 20.29 -24.52 -11.08
C GLY B 87 19.83 -23.96 -9.75
N ILE B 88 20.41 -22.81 -9.36
CA ILE B 88 20.10 -22.09 -8.11
C ILE B 88 18.61 -21.69 -8.08
N PRO B 89 17.85 -22.06 -7.02
CA PRO B 89 16.41 -21.74 -7.02
C PRO B 89 16.04 -20.35 -6.54
N LEU B 90 14.93 -19.83 -7.09
CA LEU B 90 14.31 -18.58 -6.67
C LEU B 90 13.21 -19.00 -5.71
N TYR B 91 13.22 -18.46 -4.48
CA TYR B 91 12.25 -18.81 -3.46
C TYR B 91 11.19 -17.72 -3.31
N GLU B 92 9.92 -18.14 -3.13
CA GLU B 92 8.78 -17.25 -2.90
C GLU B 92 7.68 -18.00 -2.15
N SER B 93 7.02 -17.33 -1.20
CA SER B 93 5.96 -17.95 -0.39
C SER B 93 4.65 -17.18 -0.44
N ALA B 94 3.53 -17.92 -0.39
CA ALA B 94 2.18 -17.35 -0.41
C ALA B 94 1.17 -18.17 0.39
N VAL B 95 0.22 -17.47 1.05
CA VAL B 95 -0.84 -18.10 1.83
C VAL B 95 -2.13 -18.10 0.99
N THR B 96 -2.74 -19.28 0.85
CA THR B 96 -3.99 -19.48 0.09
C THR B 96 -5.16 -18.72 0.70
N ARG B 97 -6.02 -18.12 -0.14
CA ARG B 97 -7.19 -17.36 0.31
C ARG B 97 -8.31 -18.29 0.83
N PRO B 98 -9.11 -17.87 1.84
CA PRO B 98 -10.18 -18.76 2.35
C PRO B 98 -11.34 -18.97 1.37
N HIS B 99 -12.15 -20.02 1.62
CA HIS B 99 -13.31 -20.41 0.81
C HIS B 99 -14.43 -19.36 0.76
N THR B 100 -14.55 -18.53 1.81
CA THR B 100 -15.57 -17.47 1.93
C THR B 100 -15.38 -16.35 0.89
N VAL B 101 -16.40 -16.16 0.03
CA VAL B 101 -16.44 -15.15 -1.04
C VAL B 101 -17.66 -14.22 -0.80
N PRO B 102 -17.47 -12.87 -0.71
CA PRO B 102 -18.63 -11.99 -0.48
C PRO B 102 -19.43 -11.73 -1.76
N MET B 107 -25.42 -2.63 2.44
CA MET B 107 -25.34 -1.17 2.42
C MET B 107 -26.71 -0.54 2.14
N MET B 108 -27.07 0.50 2.91
CA MET B 108 -28.33 1.22 2.78
C MET B 108 -28.20 2.50 1.94
N PRO B 109 -29.15 2.76 1.01
CA PRO B 109 -29.05 3.99 0.18
C PRO B 109 -29.28 5.28 0.97
N PRO B 110 -28.77 6.46 0.52
CA PRO B 110 -28.98 7.70 1.29
C PRO B 110 -30.43 8.11 1.48
N VAL B 111 -30.71 8.81 2.59
CA VAL B 111 -32.06 9.29 2.96
C VAL B 111 -32.10 10.82 3.11
N GLY B 112 -33.30 11.38 2.94
CA GLY B 112 -33.55 12.82 3.04
C GLY B 112 -32.91 13.61 1.92
N VAL B 113 -33.05 13.13 0.67
CA VAL B 113 -32.50 13.77 -0.52
C VAL B 113 -33.38 14.97 -0.89
N GLN B 114 -32.80 16.19 -0.81
CA GLN B 114 -33.48 17.45 -1.10
C GLN B 114 -32.78 18.24 -2.19
N ALA B 115 -33.57 18.79 -3.14
CA ALA B 115 -33.06 19.58 -4.26
C ALA B 115 -33.13 21.07 -3.94
N SER B 116 -31.97 21.75 -4.00
CA SER B 116 -31.84 23.18 -3.73
C SER B 116 -31.37 23.90 -5.00
N ILE B 117 -32.29 24.59 -5.68
CA ILE B 117 -32.03 25.32 -6.93
C ILE B 117 -31.40 26.69 -6.65
N LEU B 118 -30.25 26.96 -7.29
CA LEU B 118 -29.52 28.22 -7.15
C LEU B 118 -29.59 29.09 -8.41
N SER B 119 -29.32 28.49 -9.58
CA SER B 119 -29.36 29.18 -10.88
C SER B 119 -29.98 28.28 -11.97
N HIS B 120 -29.96 28.76 -13.23
CA HIS B 120 -30.51 28.04 -14.39
C HIS B 120 -29.70 26.81 -14.79
N ASP B 121 -28.39 26.77 -14.43
CA ASP B 121 -27.48 25.68 -14.79
C ASP B 121 -26.93 24.86 -13.59
N THR B 122 -27.04 25.38 -12.34
CA THR B 122 -26.53 24.68 -11.16
C THR B 122 -27.60 24.40 -10.09
N ILE B 123 -27.65 23.13 -9.61
CA ILE B 123 -28.58 22.66 -8.56
C ILE B 123 -27.78 21.91 -7.48
N ARG B 124 -27.99 22.28 -6.20
CA ARG B 124 -27.35 21.66 -5.04
C ARG B 124 -28.18 20.48 -4.51
N ILE B 125 -27.52 19.33 -4.31
CA ILE B 125 -28.16 18.10 -3.81
C ILE B 125 -27.59 17.75 -2.43
N THR B 126 -28.46 17.65 -1.42
CA THR B 126 -28.08 17.33 -0.04
C THR B 126 -28.77 16.07 0.48
N TRP B 127 -28.02 15.19 1.17
CA TRP B 127 -28.51 13.93 1.73
C TRP B 127 -27.87 13.57 3.07
N ALA B 128 -28.60 12.82 3.92
CA ALA B 128 -28.14 12.37 5.24
C ALA B 128 -28.02 10.84 5.30
N ASP B 129 -27.12 10.32 6.18
CA ASP B 129 -26.89 8.88 6.35
C ASP B 129 -27.25 8.41 7.75
N ASN B 130 -27.94 7.25 7.83
CA ASN B 130 -28.35 6.63 9.09
C ASN B 130 -27.20 5.77 9.66
N SER B 131 -26.30 5.30 8.77
CA SER B 131 -25.14 4.46 9.10
C SER B 131 -24.11 5.20 9.97
N LEU B 132 -23.87 6.50 9.68
CA LEU B 132 -22.92 7.34 10.40
C LEU B 132 -23.50 7.83 11.73
N PRO B 133 -22.73 7.79 12.85
CA PRO B 133 -23.29 8.22 14.15
C PRO B 133 -23.42 9.74 14.31
N LYS B 134 -22.42 10.51 13.83
CA LYS B 134 -22.41 11.98 13.92
C LYS B 134 -23.30 12.63 12.85
N HIS B 135 -23.45 13.98 12.91
CA HIS B 135 -24.24 14.78 11.96
C HIS B 135 -23.69 14.60 10.53
N GLN B 136 -22.35 14.58 10.41
CA GLN B 136 -21.59 14.36 9.18
C GLN B 136 -20.23 13.75 9.52
N LYS B 137 -19.90 12.61 8.91
CA LYS B 137 -18.65 11.90 9.18
C LYS B 137 -18.03 11.32 7.90
N ILE B 138 -16.81 11.78 7.56
CA ILE B 138 -16.04 11.32 6.40
C ILE B 138 -14.71 10.75 6.93
N THR B 139 -14.79 9.53 7.51
CA THR B 139 -13.64 8.82 8.08
C THR B 139 -13.33 7.52 7.31
N ASP B 140 -14.35 6.95 6.64
CA ASP B 140 -14.24 5.72 5.85
C ASP B 140 -14.04 6.04 4.36
N SER B 141 -13.50 5.07 3.60
CA SER B 141 -13.26 5.19 2.16
C SER B 141 -14.52 4.86 1.35
N ARG B 142 -15.54 5.74 1.46
CA ARG B 142 -16.84 5.61 0.76
C ARG B 142 -17.08 6.75 -0.23
N TYR B 143 -17.55 6.42 -1.44
CA TYR B 143 -17.84 7.40 -2.49
C TYR B 143 -19.30 7.33 -2.98
N TYR B 144 -19.90 8.50 -3.23
CA TYR B 144 -21.28 8.62 -3.70
C TYR B 144 -21.35 8.84 -5.21
N THR B 145 -22.35 8.23 -5.87
CA THR B 145 -22.58 8.36 -7.31
C THR B 145 -23.97 8.95 -7.54
N VAL B 146 -24.04 10.11 -8.22
CA VAL B 146 -25.28 10.84 -8.49
C VAL B 146 -25.62 10.81 -10.00
N ARG B 147 -26.88 10.50 -10.33
CA ARG B 147 -27.39 10.44 -11.71
C ARG B 147 -28.50 11.49 -11.95
N TRP B 148 -28.66 11.92 -13.22
CA TRP B 148 -29.69 12.90 -13.61
C TRP B 148 -30.18 12.72 -15.04
N LYS B 149 -31.49 12.97 -15.27
CA LYS B 149 -32.15 12.88 -16.58
C LYS B 149 -33.40 13.76 -16.65
N THR B 150 -33.81 14.14 -17.88
CA THR B 150 -35.00 14.95 -18.14
C THR B 150 -36.27 14.08 -18.12
N ASN B 151 -37.33 14.58 -17.47
CA ASN B 151 -38.61 13.89 -17.33
C ASN B 151 -39.47 13.85 -18.61
N ILE B 152 -39.38 14.90 -19.45
CA ILE B 152 -40.15 15.04 -20.71
C ILE B 152 -39.83 13.89 -21.71
N PRO B 153 -38.57 13.64 -22.17
CA PRO B 153 -38.36 12.53 -23.11
C PRO B 153 -38.33 11.16 -22.43
N ALA B 154 -38.95 10.16 -23.07
CA ALA B 154 -39.02 8.78 -22.58
C ALA B 154 -37.67 8.08 -22.74
N ASN B 155 -37.24 7.37 -21.68
CA ASN B 155 -35.98 6.61 -21.58
C ASN B 155 -34.75 7.49 -21.90
N THR B 156 -34.53 8.52 -21.08
CA THR B 156 -33.40 9.45 -21.22
C THR B 156 -32.16 8.82 -20.59
N LYS B 157 -31.00 8.92 -21.30
CA LYS B 157 -29.73 8.36 -20.85
C LYS B 157 -29.21 9.07 -19.60
N TYR B 158 -28.97 8.28 -18.54
CA TYR B 158 -28.50 8.76 -17.24
C TYR B 158 -27.07 9.26 -17.28
N LYS B 159 -26.84 10.45 -16.72
CA LYS B 159 -25.52 11.08 -16.65
C LYS B 159 -25.00 10.96 -15.21
N ASN B 160 -23.97 10.12 -15.01
CA ASN B 160 -23.37 9.83 -13.70
C ASN B 160 -22.15 10.67 -13.38
N ALA B 161 -22.00 11.06 -12.11
CA ALA B 161 -20.89 11.86 -11.58
C ALA B 161 -20.59 11.44 -10.14
N ASN B 162 -19.31 11.11 -9.84
CA ASN B 162 -18.87 10.70 -8.51
C ASN B 162 -18.56 11.90 -7.62
N ALA B 163 -19.16 11.93 -6.41
CA ALA B 163 -18.97 13.01 -5.44
C ALA B 163 -18.33 12.51 -4.14
N THR B 164 -17.44 13.34 -3.56
CA THR B 164 -16.72 13.03 -2.33
C THR B 164 -17.51 13.43 -1.08
N THR B 165 -18.07 14.66 -1.08
CA THR B 165 -18.86 15.20 0.03
C THR B 165 -20.37 14.98 -0.16
N LEU B 166 -21.18 15.25 0.90
CA LEU B 166 -22.64 15.10 0.90
C LEU B 166 -23.36 16.12 0.00
N SER B 167 -22.67 17.20 -0.40
CA SER B 167 -23.22 18.26 -1.26
C SER B 167 -22.51 18.29 -2.61
N TYR B 168 -23.29 18.29 -3.71
CA TYR B 168 -22.76 18.32 -5.08
C TYR B 168 -23.56 19.28 -5.98
N LEU B 169 -22.84 20.06 -6.80
CA LEU B 169 -23.40 21.02 -7.76
C LEU B 169 -23.35 20.43 -9.17
N VAL B 170 -24.53 20.29 -9.81
CA VAL B 170 -24.67 19.73 -11.15
C VAL B 170 -24.31 20.79 -12.20
N THR B 171 -23.44 20.44 -13.17
CA THR B 171 -22.98 21.35 -14.23
C THR B 171 -23.51 20.98 -15.61
N GLY B 172 -23.73 22.00 -16.44
CA GLY B 172 -24.21 21.87 -17.81
C GLY B 172 -25.66 21.43 -17.90
N LEU B 173 -26.59 22.31 -17.51
CA LEU B 173 -28.03 22.03 -17.52
C LEU B 173 -28.82 23.05 -18.34
N LYS B 174 -29.93 22.60 -18.96
CA LYS B 174 -30.83 23.43 -19.76
C LYS B 174 -31.89 24.12 -18.88
N PRO B 175 -32.25 25.40 -19.15
CA PRO B 175 -33.26 26.06 -18.30
C PRO B 175 -34.70 25.64 -18.61
N ASN B 176 -35.59 25.79 -17.60
CA ASN B 176 -37.02 25.46 -17.62
C ASN B 176 -37.30 23.98 -17.99
N THR B 177 -36.55 23.06 -17.37
CA THR B 177 -36.68 21.61 -17.54
C THR B 177 -36.61 20.90 -16.18
N LEU B 178 -37.53 19.95 -15.95
CA LEU B 178 -37.59 19.19 -14.70
C LEU B 178 -36.58 18.04 -14.70
N TYR B 179 -35.75 17.97 -13.64
CA TYR B 179 -34.73 16.95 -13.46
C TYR B 179 -34.96 16.09 -12.22
N GLU B 180 -34.70 14.77 -12.34
CA GLU B 180 -34.81 13.80 -11.25
C GLU B 180 -33.42 13.36 -10.81
N PHE B 181 -33.21 13.20 -9.48
CA PHE B 181 -31.89 12.84 -8.93
C PHE B 181 -31.91 11.62 -8.02
N SER B 182 -30.87 10.78 -8.11
CA SER B 182 -30.68 9.56 -7.32
C SER B 182 -29.22 9.40 -6.89
N VAL B 183 -28.99 9.12 -5.59
CA VAL B 183 -27.66 8.95 -4.99
C VAL B 183 -27.49 7.52 -4.46
N MET B 184 -26.25 6.99 -4.47
CA MET B 184 -25.93 5.65 -3.96
C MET B 184 -24.53 5.59 -3.33
N VAL B 185 -24.44 5.03 -2.12
CA VAL B 185 -23.18 4.89 -1.38
C VAL B 185 -22.46 3.60 -1.80
N THR B 186 -21.14 3.69 -2.10
CA THR B 186 -20.31 2.58 -2.52
C THR B 186 -18.99 2.50 -1.76
N LYS B 187 -18.70 1.31 -1.18
CA LYS B 187 -17.49 1.03 -0.41
C LYS B 187 -17.04 -0.42 -0.65
N GLY B 188 -15.82 -0.56 -1.19
CA GLY B 188 -15.22 -1.85 -1.50
C GLY B 188 -15.92 -2.60 -2.62
N ARG B 189 -16.16 -3.90 -2.41
CA ARG B 189 -16.82 -4.78 -3.38
C ARG B 189 -18.35 -4.63 -3.37
N ARG B 190 -18.95 -4.46 -2.16
CA ARG B 190 -20.40 -4.32 -1.99
C ARG B 190 -20.90 -2.95 -2.46
N SER B 191 -22.08 -2.94 -3.12
CA SER B 191 -22.72 -1.73 -3.65
C SER B 191 -24.22 -1.70 -3.34
N SER B 192 -24.76 -0.49 -3.07
CA SER B 192 -26.17 -0.27 -2.77
C SER B 192 -26.92 0.34 -3.96
N THR B 193 -28.25 0.16 -4.01
CA THR B 193 -29.11 0.69 -5.08
C THR B 193 -29.35 2.20 -4.93
N TRP B 194 -29.96 2.82 -5.95
CA TRP B 194 -30.28 4.26 -6.02
C TRP B 194 -31.28 4.71 -4.96
N SER B 195 -31.14 5.95 -4.48
CA SER B 195 -32.02 6.55 -3.46
C SER B 195 -33.32 7.08 -4.10
N MET B 196 -34.26 7.52 -3.25
CA MET B 196 -35.56 8.07 -3.67
C MET B 196 -35.37 9.29 -4.55
N THR B 197 -36.04 9.30 -5.72
CA THR B 197 -35.98 10.37 -6.71
C THR B 197 -36.53 11.70 -6.19
N ALA B 198 -35.72 12.77 -6.33
CA ALA B 198 -36.09 14.13 -5.91
C ALA B 198 -36.15 15.03 -7.14
N HIS B 199 -37.30 15.69 -7.33
CA HIS B 199 -37.53 16.57 -8.48
C HIS B 199 -36.99 17.97 -8.25
N GLY B 200 -36.36 18.53 -9.29
CA GLY B 200 -35.78 19.86 -9.29
C GLY B 200 -35.86 20.55 -10.62
N ALA B 201 -36.73 21.58 -10.71
CA ALA B 201 -36.93 22.37 -11.93
C ALA B 201 -35.96 23.55 -11.99
N THR B 202 -35.24 23.68 -13.11
CA THR B 202 -34.25 24.73 -13.36
C THR B 202 -34.89 26.12 -13.48
N PHE B 203 -34.15 27.17 -13.06
CA PHE B 203 -34.59 28.56 -13.11
C PHE B 203 -34.73 29.06 -14.55
N GLU B 204 -35.68 29.99 -14.78
CA GLU B 204 -35.93 30.59 -16.09
C GLU B 204 -34.77 31.49 -16.54
N LEU B 205 -34.59 31.61 -17.86
CA LEU B 205 -33.52 32.41 -18.47
C LEU B 205 -33.99 33.12 -19.74
N VAL B 206 -33.28 34.21 -20.11
CA VAL B 206 -33.52 35.01 -21.31
C VAL B 206 -33.31 34.13 -22.58
N PRO B 207 -34.26 34.11 -23.55
CA PRO B 207 -34.09 33.24 -24.74
C PRO B 207 -32.84 33.53 -25.58
N THR B 208 -32.25 32.48 -26.15
CA THR B 208 -31.03 32.56 -26.97
C THR B 208 -31.27 32.24 -28.45
N SER B 209 -32.50 31.82 -28.81
CA SER B 209 -32.86 31.49 -30.20
C SER B 209 -34.06 32.31 -30.71
N PRO B 210 -34.05 32.77 -31.98
CA PRO B 210 -35.20 33.54 -32.50
C PRO B 210 -36.38 32.63 -32.91
N PRO B 211 -37.64 33.13 -33.00
CA PRO B 211 -38.76 32.26 -33.41
C PRO B 211 -38.62 31.69 -34.83
N LYS B 212 -38.96 30.40 -34.99
CA LYS B 212 -38.87 29.65 -36.25
C LYS B 212 -40.17 29.69 -37.07
N ASP B 213 -40.08 29.34 -38.38
CA ASP B 213 -41.16 29.24 -39.37
C ASP B 213 -42.03 30.52 -39.45
N VAL B 214 -41.41 31.65 -39.81
CA VAL B 214 -42.08 32.93 -39.95
C VAL B 214 -42.64 33.09 -41.37
N THR B 215 -43.99 33.11 -41.48
CA THR B 215 -44.71 33.24 -42.75
C THR B 215 -45.70 34.39 -42.70
N VAL B 216 -45.68 35.24 -43.74
CA VAL B 216 -46.58 36.39 -43.89
C VAL B 216 -47.44 36.18 -45.14
N VAL B 217 -48.77 36.14 -44.95
CA VAL B 217 -49.78 35.97 -46.00
C VAL B 217 -50.88 37.01 -45.76
N SER B 218 -51.32 37.70 -46.82
CA SER B 218 -52.38 38.71 -46.75
C SER B 218 -53.76 38.08 -46.49
N LYS B 219 -54.61 38.79 -45.73
CA LYS B 219 -55.97 38.35 -45.37
C LYS B 219 -56.88 38.28 -46.58
N GLU B 220 -57.71 37.22 -46.66
CA GLU B 220 -58.68 36.98 -47.73
C GLU B 220 -59.77 38.06 -47.68
N GLY B 221 -59.93 38.76 -48.80
CA GLY B 221 -60.92 39.83 -48.94
C GLY B 221 -60.38 41.21 -48.59
N LYS B 222 -59.70 41.34 -47.44
CA LYS B 222 -59.14 42.60 -46.96
C LYS B 222 -57.63 42.68 -47.24
N PRO B 223 -57.22 43.43 -48.29
CA PRO B 223 -55.79 43.49 -48.64
C PRO B 223 -54.91 44.36 -47.73
N ARG B 224 -55.49 45.35 -47.04
CA ARG B 224 -54.76 46.23 -46.12
C ARG B 224 -54.32 45.50 -44.83
N THR B 225 -55.03 44.41 -44.49
CA THR B 225 -54.78 43.56 -43.32
C THR B 225 -53.94 42.34 -43.75
N ILE B 226 -52.91 41.99 -42.96
CA ILE B 226 -52.02 40.85 -43.20
C ILE B 226 -51.89 39.94 -41.96
N ILE B 227 -51.82 38.62 -42.18
CA ILE B 227 -51.69 37.64 -41.10
C ILE B 227 -50.26 37.09 -41.04
N VAL B 228 -49.62 37.22 -39.86
CA VAL B 228 -48.26 36.74 -39.63
C VAL B 228 -48.31 35.49 -38.75
N ASN B 229 -47.76 34.37 -39.26
CA ASN B 229 -47.72 33.08 -38.55
C ASN B 229 -46.28 32.71 -38.21
N TRP B 230 -46.06 32.20 -37.00
CA TRP B 230 -44.75 31.77 -36.52
C TRP B 230 -44.83 30.63 -35.50
N GLN B 231 -43.80 29.79 -35.46
CA GLN B 231 -43.69 28.67 -34.53
C GLN B 231 -42.81 29.08 -33.33
N PRO B 232 -43.01 28.51 -32.11
CA PRO B 232 -42.18 28.93 -30.96
C PRO B 232 -40.70 28.55 -31.10
N PRO B 233 -39.74 29.38 -30.59
CA PRO B 233 -38.32 29.03 -30.74
C PRO B 233 -37.88 27.80 -29.94
N SER B 234 -36.82 27.12 -30.42
CA SER B 234 -36.25 25.91 -29.82
C SER B 234 -35.67 26.17 -28.42
N GLU B 235 -34.84 27.23 -28.27
CA GLU B 235 -34.23 27.62 -27.01
C GLU B 235 -35.07 28.73 -26.36
N ALA B 236 -36.27 28.36 -25.87
CA ALA B 236 -37.20 29.28 -25.20
C ALA B 236 -36.67 29.72 -23.84
N ASN B 237 -35.98 28.78 -23.13
CA ASN B 237 -35.33 28.95 -21.81
C ASN B 237 -36.28 29.40 -20.67
N GLY B 238 -37.59 29.36 -20.92
CA GLY B 238 -38.59 29.76 -19.94
C GLY B 238 -40.02 29.77 -20.46
N LYS B 239 -40.96 30.18 -19.59
CA LYS B 239 -42.39 30.28 -19.89
C LYS B 239 -42.63 31.49 -20.79
N ILE B 240 -43.37 31.29 -21.88
CA ILE B 240 -43.66 32.34 -22.87
C ILE B 240 -44.70 33.33 -22.33
N THR B 241 -44.28 34.61 -22.24
CA THR B 241 -45.12 35.72 -21.76
C THR B 241 -45.68 36.56 -22.92
N GLY B 242 -44.96 36.58 -24.04
CA GLY B 242 -45.38 37.33 -25.23
C GLY B 242 -44.39 37.32 -26.39
N TYR B 243 -44.75 38.07 -27.46
CA TYR B 243 -43.97 38.25 -28.68
C TYR B 243 -44.12 39.69 -29.17
N ILE B 244 -43.05 40.25 -29.77
CA ILE B 244 -43.05 41.62 -30.29
C ILE B 244 -42.73 41.58 -31.80
N ILE B 245 -43.63 42.13 -32.63
CA ILE B 245 -43.46 42.17 -34.09
C ILE B 245 -43.02 43.57 -34.54
N TYR B 246 -41.94 43.63 -35.33
CA TYR B 246 -41.39 44.88 -35.85
C TYR B 246 -41.57 44.93 -37.37
N TYR B 247 -42.14 46.04 -37.87
CA TYR B 247 -42.34 46.22 -39.31
C TYR B 247 -41.95 47.62 -39.79
N SER B 248 -41.30 47.67 -40.96
CA SER B 248 -40.83 48.89 -41.61
C SER B 248 -40.71 48.70 -43.12
N THR B 249 -40.93 49.78 -43.90
CA THR B 249 -40.84 49.77 -45.36
C THR B 249 -39.37 49.68 -45.84
N ASP B 250 -38.42 50.08 -44.98
CA ASP B 250 -36.98 50.02 -45.25
C ASP B 250 -36.32 49.00 -44.31
N VAL B 251 -35.68 47.98 -44.89
CA VAL B 251 -35.01 46.91 -44.13
C VAL B 251 -33.71 47.41 -43.47
N ASN B 252 -33.03 48.39 -44.11
CA ASN B 252 -31.77 48.99 -43.64
C ASN B 252 -31.96 49.90 -42.42
N ALA B 253 -33.22 50.29 -42.12
CA ALA B 253 -33.59 51.16 -41.00
C ALA B 253 -33.20 50.62 -39.63
N GLU B 254 -32.95 51.54 -38.67
CA GLU B 254 -32.58 51.23 -37.29
C GLU B 254 -33.74 50.55 -36.57
N ILE B 255 -33.42 49.54 -35.72
CA ILE B 255 -34.34 48.69 -34.96
C ILE B 255 -35.53 49.47 -34.32
N HIS B 256 -35.26 50.61 -33.67
CA HIS B 256 -36.29 51.42 -33.02
C HIS B 256 -37.18 52.24 -33.98
N ASP B 257 -36.77 52.37 -35.27
CA ASP B 257 -37.57 53.08 -36.28
C ASP B 257 -38.73 52.20 -36.78
N TRP B 258 -38.61 50.87 -36.61
CA TRP B 258 -39.60 49.85 -36.98
C TRP B 258 -40.79 49.95 -36.03
N VAL B 259 -42.02 49.82 -36.56
CA VAL B 259 -43.26 49.90 -35.77
C VAL B 259 -43.39 48.70 -34.83
N ILE B 260 -43.52 48.97 -33.52
CA ILE B 260 -43.65 47.98 -32.47
C ILE B 260 -45.08 47.45 -32.40
N GLU B 261 -45.25 46.12 -32.44
CA GLU B 261 -46.55 45.45 -32.36
C GLU B 261 -46.54 44.42 -31.22
N PRO B 262 -47.25 44.67 -30.10
CA PRO B 262 -47.23 43.72 -28.97
C PRO B 262 -48.25 42.58 -29.10
N VAL B 263 -47.80 41.34 -28.83
CA VAL B 263 -48.61 40.11 -28.88
C VAL B 263 -48.50 39.36 -27.52
N VAL B 264 -49.59 38.65 -27.14
CA VAL B 264 -49.66 37.86 -25.90
C VAL B 264 -48.97 36.48 -26.06
N GLY B 265 -48.59 35.88 -24.92
CA GLY B 265 -47.88 34.60 -24.85
C GLY B 265 -48.55 33.39 -25.46
N ASN B 266 -49.88 33.30 -25.34
CA ASN B 266 -50.67 32.18 -25.85
C ASN B 266 -50.76 32.14 -27.38
N ARG B 267 -50.88 33.31 -28.03
CA ARG B 267 -50.98 33.44 -29.49
C ARG B 267 -49.68 33.13 -30.22
N LEU B 268 -49.79 32.48 -31.39
CA LEU B 268 -48.67 32.13 -32.28
C LEU B 268 -48.95 32.67 -33.70
N THR B 269 -50.06 33.43 -33.82
CA THR B 269 -50.52 34.09 -35.04
C THR B 269 -51.09 35.48 -34.71
N HIS B 270 -50.69 36.51 -35.47
CA HIS B 270 -51.13 37.89 -35.24
C HIS B 270 -51.50 38.59 -36.55
N GLN B 271 -52.46 39.54 -36.47
CA GLN B 271 -52.98 40.30 -37.61
C GLN B 271 -52.51 41.75 -37.53
N ILE B 272 -51.95 42.29 -38.63
CA ILE B 272 -51.51 43.68 -38.70
C ILE B 272 -52.38 44.46 -39.70
N GLN B 273 -53.13 45.45 -39.18
CA GLN B 273 -54.07 46.28 -39.95
C GLN B 273 -53.51 47.66 -40.29
N GLU B 274 -54.25 48.42 -41.12
CA GLU B 274 -53.96 49.79 -41.58
C GLU B 274 -52.57 49.91 -42.21
N LEU B 275 -52.37 49.23 -43.36
CA LEU B 275 -51.11 49.25 -44.09
C LEU B 275 -51.32 49.69 -45.53
N THR B 276 -50.33 50.39 -46.08
CA THR B 276 -50.37 50.91 -47.46
C THR B 276 -50.33 49.78 -48.49
N LEU B 277 -51.20 49.86 -49.50
CA LEU B 277 -51.29 48.89 -50.59
C LEU B 277 -50.13 49.03 -51.55
N ASP B 278 -49.71 47.92 -52.18
CA ASP B 278 -48.63 47.82 -53.17
C ASP B 278 -47.26 48.29 -52.61
N THR B 279 -47.02 48.01 -51.32
CA THR B 279 -45.80 48.41 -50.62
C THR B 279 -45.05 47.19 -50.07
N PRO B 280 -43.72 47.05 -50.31
CA PRO B 280 -43.00 45.90 -49.74
C PRO B 280 -42.66 46.14 -48.26
N TYR B 281 -43.11 45.24 -47.38
CA TYR B 281 -42.89 45.31 -45.94
C TYR B 281 -41.97 44.20 -45.44
N TYR B 282 -41.13 44.51 -44.44
CA TYR B 282 -40.18 43.58 -43.82
C TYR B 282 -40.59 43.32 -42.38
N PHE B 283 -40.52 42.05 -41.92
CA PHE B 283 -40.95 41.67 -40.58
C PHE B 283 -39.92 40.92 -39.75
N LYS B 284 -39.78 41.30 -38.46
CA LYS B 284 -38.86 40.70 -37.49
C LYS B 284 -39.60 40.47 -36.17
N ILE B 285 -39.59 39.22 -35.66
CA ILE B 285 -40.27 38.87 -34.40
C ILE B 285 -39.27 38.40 -33.33
N GLN B 286 -39.53 38.72 -32.06
CA GLN B 286 -38.73 38.30 -30.91
C GLN B 286 -39.62 37.82 -29.74
N ALA B 287 -39.22 36.73 -29.08
CA ALA B 287 -39.94 36.13 -27.95
C ALA B 287 -39.50 36.75 -26.61
N ARG B 288 -40.33 36.58 -25.55
CA ARG B 288 -40.02 37.11 -24.22
C ARG B 288 -40.52 36.22 -23.08
N ASN B 289 -39.80 36.28 -21.93
CA ASN B 289 -40.10 35.53 -20.70
C ASN B 289 -40.06 36.49 -19.49
N SER B 290 -40.17 35.93 -18.26
CA SER B 290 -40.14 36.69 -17.01
C SER B 290 -38.77 37.32 -16.70
N LYS B 291 -37.69 36.77 -17.27
CA LYS B 291 -36.32 37.22 -17.05
C LYS B 291 -35.87 38.34 -18.02
N GLY B 292 -35.97 38.09 -19.33
CA GLY B 292 -35.55 39.06 -20.33
C GLY B 292 -36.23 38.98 -21.69
N MET B 293 -35.60 39.62 -22.70
CA MET B 293 -36.08 39.70 -24.09
C MET B 293 -35.18 38.87 -25.01
N GLY B 294 -35.79 37.95 -25.76
CA GLY B 294 -35.11 37.07 -26.70
C GLY B 294 -34.58 37.75 -27.95
N PRO B 295 -33.82 37.02 -28.81
CA PRO B 295 -33.29 37.65 -30.03
C PRO B 295 -34.31 37.73 -31.15
N MET B 296 -34.14 38.72 -32.03
CA MET B 296 -35.02 38.96 -33.19
C MET B 296 -34.77 37.96 -34.31
N SER B 297 -35.83 37.63 -35.06
CA SER B 297 -35.77 36.72 -36.21
C SER B 297 -35.28 37.46 -37.47
N GLU B 298 -34.94 36.72 -38.53
CA GLU B 298 -34.49 37.30 -39.80
C GLU B 298 -35.66 38.00 -40.51
N ALA B 299 -35.37 39.05 -41.29
CA ALA B 299 -36.36 39.83 -42.01
C ALA B 299 -37.07 39.03 -43.10
N VAL B 300 -38.42 39.13 -43.13
CA VAL B 300 -39.27 38.44 -44.11
C VAL B 300 -39.97 39.49 -44.98
N GLN B 301 -39.61 39.53 -46.27
CA GLN B 301 -40.17 40.48 -47.23
C GLN B 301 -41.53 40.02 -47.74
N PHE B 302 -42.53 40.91 -47.68
CA PHE B 302 -43.88 40.65 -48.17
C PHE B 302 -44.50 41.93 -48.70
N ARG B 303 -44.77 41.97 -50.01
CA ARG B 303 -45.39 43.09 -50.68
C ARG B 303 -46.92 42.99 -50.57
N THR B 304 -47.57 44.10 -50.20
CA THR B 304 -49.03 44.19 -50.06
C THR B 304 -49.69 44.20 -51.45
N PRO B 305 -50.96 43.73 -51.60
CA PRO B 305 -51.58 43.72 -52.94
C PRO B 305 -51.81 45.11 -53.56
N LYS B 306 -51.86 45.15 -54.89
CA LYS B 306 -52.09 46.36 -55.69
C LYS B 306 -53.56 46.78 -55.60
N ALA B 307 -53.82 48.10 -55.69
CA ALA B 307 -55.17 48.67 -55.67
C ALA B 307 -55.87 48.42 -57.02
N LEU B 308 -57.22 48.48 -57.02
CA LEU B 308 -58.10 48.29 -58.17
C LEU B 308 -57.79 49.23 -59.34
N GLY B 309 -57.37 50.46 -59.03
CA GLY B 309 -57.00 51.48 -60.00
C GLY B 309 -55.75 51.15 -60.80
N SER B 310 -55.57 51.85 -61.94
CA SER B 310 -54.45 51.69 -62.90
C SER B 310 -54.39 50.26 -63.48
N ALA B 311 -53.17 49.71 -63.69
CA ALA B 311 -52.97 48.37 -64.22
C ALA B 311 -53.19 47.30 -63.15
C1 GU4 C . 37.04 -50.03 -3.72
O5 GU4 C . 37.56 -48.81 -2.94
C5 GU4 C . 38.58 -47.93 -3.61
C6 GU4 C . 38.40 -46.52 -3.09
O6 GU4 C . 37.03 -46.13 -3.18
S6 GU4 C . 36.68 -44.74 -4.05
O22 GU4 C . 37.04 -43.49 -3.27
O23 GU4 C . 37.35 -44.76 -5.41
O21 GU4 C . 35.17 -44.55 -4.19
C4 GU4 C . 38.62 -47.91 -5.16
O4 GU4 C . 39.98 -47.78 -5.57
S4 GU4 C . 40.50 -46.32 -6.22
O25 GU4 C . 40.76 -45.29 -5.14
O26 GU4 C . 41.88 -46.46 -6.81
O24 GU4 C . 39.52 -45.79 -7.27
C3 GU4 C . 38.03 -49.14 -5.85
O3 GU4 C . 37.76 -48.84 -7.23
S3 GU4 C . 38.72 -49.65 -8.37
O28 GU4 C . 38.52 -51.13 -8.27
O29 GU4 C . 38.43 -49.16 -9.78
O27 GU4 C . 40.17 -49.28 -8.23
C2 GU4 C . 36.79 -49.71 -5.18
O2 GU4 C . 36.32 -50.89 -5.88
S2 GU4 C . 34.70 -51.05 -6.14
O11 GU4 C . 34.32 -52.51 -6.28
O12 GU4 C . 33.87 -50.67 -4.93
O10 GU4 C . 34.28 -50.26 -7.35
C1 YYJ C . 36.39 -52.94 -3.16
C2 YYJ C . 37.59 -52.14 -2.66
C3 YYJ C . 38.62 -53.00 -2.54
C4 YYJ C . 39.22 -52.85 -1.13
C5 YYJ C . 38.12 -52.07 -0.30
C6 YYJ C . 38.74 -51.02 0.64
O1 YYJ C . 35.59 -53.42 -2.12
O1S1 YYJ C . 33.77 -51.54 -2.08
O1S3 YYJ C . 38.52 -53.69 -5.72
O1S4 YYJ C . 41.55 -54.74 -1.98
O1S6 YYJ C . 38.16 -47.84 1.01
O2 YYJ C . 37.94 -51.07 -3.59
O2S1 YYJ C . 33.22 -53.74 -1.10
O2S3 YYJ C . 40.99 -53.82 -5.58
O2S4 YYJ C . 40.94 -56.13 -0.23
O2S6 YYJ C . 40.12 -47.42 -0.16
O3 YYJ C . 39.67 -52.83 -3.56
O3S1 YYJ C . 33.35 -53.32 -3.55
O3S3 YYJ C . 39.76 -55.35 -4.33
O3S4 YYJ C . 41.84 -53.89 0.34
O3S6 YYJ C . 40.31 -48.67 1.99
O4 YYJ C . 39.42 -54.06 -0.60
O5 YYJ C . 37.29 -51.52 -1.16
O6 YYJ C . 39.31 -49.91 -0.10
S1 YYJ C . 33.97 -53.03 -2.19
S3 YYJ C . 39.70 -53.91 -4.82
S4 YYJ C . 40.95 -54.67 -0.60
S6 YYJ C . 39.50 -48.47 0.72
C1 NAG D . 30.76 -33.23 -8.20
C2 NAG D . 31.39 -31.86 -7.96
C3 NAG D . 32.79 -32.04 -7.39
C4 NAG D . 32.78 -32.95 -6.15
C5 NAG D . 32.04 -34.26 -6.44
C6 NAG D . 31.81 -35.10 -5.22
C7 NAG D . 32.05 -31.26 -10.31
C8 NAG D . 32.01 -30.18 -11.33
N2 NAG D . 31.41 -30.99 -9.13
O3 NAG D . 33.33 -30.76 -7.03
O4 NAG D . 34.12 -33.25 -5.77
O5 NAG D . 30.74 -33.98 -6.98
O6 NAG D . 31.06 -36.28 -5.51
O7 NAG D . 32.62 -32.33 -10.52
C1 NAG E . 27.93 -32.70 22.26
C2 NAG E . 29.30 -32.02 22.16
C3 NAG E . 29.49 -31.15 23.41
C4 NAG E . 28.31 -30.19 23.61
C5 NAG E . 27.00 -30.96 23.64
C6 NAG E . 25.78 -30.07 23.69
C7 NAG E . 30.77 -33.93 22.86
C8 NAG E . 31.89 -34.81 22.40
N2 NAG E . 30.41 -32.95 21.99
O3 NAG E . 30.71 -30.43 23.32
O4 NAG E . 28.48 -29.48 24.83
O5 NAG E . 26.89 -31.74 22.44
O6 NAG E . 24.58 -30.83 23.55
O7 NAG E . 30.23 -34.07 23.95
C1 NAG F . 45.10 -38.09 -0.07
C2 NAG F . 45.94 -39.30 -0.52
C3 NAG F . 47.37 -38.84 -0.76
C4 NAG F . 47.41 -37.74 -1.82
C5 NAG F . 46.50 -36.60 -1.39
C6 NAG F . 46.33 -35.53 -2.46
C7 NAG F . 45.51 -41.62 0.19
C8 NAG F . 45.56 -42.59 1.33
N2 NAG F . 45.90 -40.37 0.47
O3 NAG F . 48.17 -39.95 -1.18
O4 NAG F . 48.74 -37.28 -1.99
O5 NAG F . 45.17 -37.07 -1.09
O6 NAG F . 45.72 -36.04 -3.63
O7 NAG F . 45.12 -41.95 -0.93
CA CA G . 25.57 -30.15 -1.44
N NO3 H . 18.84 -11.48 2.40
O1 NO3 H . 19.77 -12.28 2.46
O2 NO3 H . 17.76 -11.65 2.90
O3 NO3 H . 19.03 -10.37 1.75
N NO3 I . 11.50 4.57 18.82
O1 NO3 I . 10.78 3.79 19.39
O2 NO3 I . 11.34 4.93 17.70
O3 NO3 I . 12.51 5.07 19.45
N NO3 J . 9.11 -40.17 7.06
O1 NO3 J . 7.96 -39.83 7.27
O2 NO3 J . 9.81 -39.73 6.17
O3 NO3 J . 9.64 -41.06 7.86
C1 NAG K . -16.58 7.65 -11.56
C2 NAG K . -16.27 6.23 -11.07
C3 NAG K . -16.15 5.35 -12.31
C4 NAG K . -17.42 5.41 -13.15
C5 NAG K . -17.74 6.86 -13.53
C6 NAG K . -19.06 7.03 -14.23
C7 NAG K . -14.77 5.35 -9.32
C8 NAG K . -13.48 5.55 -8.58
N2 NAG K . -15.03 6.22 -10.30
O3 NAG K . -15.89 4.00 -11.92
O4 NAG K . -17.26 4.63 -14.33
O5 NAG K . -17.78 7.68 -12.35
O6 NAG K . -19.06 6.47 -15.54
O7 NAG K . -15.54 4.43 -9.04
#